data_1SU1
#
_entry.id   1SU1
#
_cell.length_a   71.020
_cell.length_b   71.020
_cell.length_c   173.680
_cell.angle_alpha   90.00
_cell.angle_beta   90.00
_cell.angle_gamma   120.00
#
_symmetry.space_group_name_H-M   'P 31'
#
loop_
_entity.id
_entity.type
_entity.pdbx_description
1 polymer 'Hypothetical protein yfcE'
2 non-polymer 'ZINC ION'
3 non-polymer 'SULFATE ION'
4 water water
#
_entity_poly.entity_id   1
_entity_poly.type   'polypeptide(L)'
_entity_poly.pdbx_seq_one_letter_code
;MHHHHHHSSGVDLGTENLYFQSNAMMKLMFASDIHGSLPATERVLELFAQSGAQWLVILGDVLNHGPRNALPEGYAPAKV
VERLNEVAHKVIAVRGNCDSEVDQMLLHFPITAPWQQVLLEKQRLFLTHGHLFGPENLPALNQNDVLVYGHTHLPVAEQR
GEIFHFNPGSVSIPKGGNPASYGMLDNDVLSVIALNDQSIIAQVAINP
;
_entity_poly.pdbx_strand_id   A,B,C,D
#
loop_
_chem_comp.id
_chem_comp.type
_chem_comp.name
_chem_comp.formula
SO4 non-polymer 'SULFATE ION' 'O4 S -2'
ZN non-polymer 'ZINC ION' 'Zn 2'
#
# COMPACT_ATOMS: atom_id res chain seq x y z
N MET A 25 -26.50 19.90 -15.41
CA MET A 25 -26.44 19.17 -14.11
C MET A 25 -25.06 18.53 -13.96
N MET A 26 -24.84 17.43 -14.68
CA MET A 26 -23.57 16.70 -14.62
C MET A 26 -23.24 15.94 -15.90
N LYS A 27 -22.11 16.27 -16.53
CA LYS A 27 -21.71 15.58 -17.76
C LYS A 27 -20.29 15.04 -17.66
N LEU A 28 -20.12 13.74 -17.82
CA LEU A 28 -18.80 13.15 -17.74
C LEU A 28 -18.50 12.14 -18.85
N MET A 29 -17.24 12.06 -19.25
CA MET A 29 -16.81 11.10 -20.25
C MET A 29 -15.90 10.08 -19.54
N PHE A 30 -16.04 8.81 -19.91
CA PHE A 30 -15.25 7.74 -19.33
C PHE A 30 -14.43 6.99 -20.37
N ALA A 31 -13.18 6.69 -20.01
CA ALA A 31 -12.28 5.92 -20.86
C ALA A 31 -11.61 4.91 -19.91
N SER A 32 -11.47 3.66 -20.35
CA SER A 32 -10.85 2.64 -19.51
C SER A 32 -9.98 1.66 -20.30
N ASP A 33 -9.02 1.06 -19.61
CA ASP A 33 -8.11 0.07 -20.18
C ASP A 33 -7.51 0.49 -21.53
N ILE A 34 -6.78 1.61 -21.48
CA ILE A 34 -6.09 2.18 -22.63
C ILE A 34 -4.90 1.29 -22.99
N HIS A 35 -4.19 0.83 -21.96
CA HIS A 35 -3.05 -0.06 -22.13
C HIS A 35 -1.97 0.40 -23.13
N GLY A 36 -1.75 1.72 -23.20
CA GLY A 36 -0.71 2.22 -24.09
C GLY A 36 -1.06 2.44 -25.57
N SER A 37 -2.31 2.21 -25.97
CA SER A 37 -2.72 2.39 -27.37
C SER A 37 -2.80 3.87 -27.75
N LEU A 38 -1.86 4.33 -28.57
CA LEU A 38 -1.87 5.73 -28.99
C LEU A 38 -3.10 6.13 -29.85
N PRO A 39 -3.51 5.25 -30.79
CA PRO A 39 -4.69 5.60 -31.62
C PRO A 39 -5.94 5.77 -30.76
N ALA A 40 -6.19 4.83 -29.86
CA ALA A 40 -7.35 4.94 -28.98
C ALA A 40 -7.28 6.24 -28.19
N THR A 41 -6.08 6.60 -27.73
CA THR A 41 -5.88 7.82 -26.95
C THR A 41 -6.17 9.10 -27.73
N GLU A 42 -5.67 9.19 -28.95
CA GLU A 42 -5.91 10.39 -29.74
C GLU A 42 -7.40 10.56 -30.04
N ARG A 43 -8.09 9.45 -30.29
CA ARG A 43 -9.52 9.48 -30.57
C ARG A 43 -10.30 9.90 -29.32
N VAL A 44 -9.96 9.29 -28.17
CA VAL A 44 -10.62 9.63 -26.92
C VAL A 44 -10.51 11.12 -26.69
N LEU A 45 -9.30 11.65 -26.91
CA LEU A 45 -9.05 13.06 -26.71
C LEU A 45 -9.78 13.99 -27.69
N GLU A 46 -10.04 13.53 -28.92
CA GLU A 46 -10.75 14.41 -29.84
C GLU A 46 -12.22 14.40 -29.45
N LEU A 47 -12.72 13.24 -29.03
CA LEU A 47 -14.10 13.13 -28.59
C LEU A 47 -14.32 13.93 -27.31
N PHE A 48 -13.34 13.87 -26.39
CA PHE A 48 -13.47 14.61 -25.15
C PHE A 48 -13.58 16.09 -25.43
N ALA A 49 -12.70 16.60 -26.29
CA ALA A 49 -12.71 18.02 -26.63
C ALA A 49 -14.03 18.49 -27.24
N GLN A 50 -14.79 17.57 -27.84
CA GLN A 50 -16.06 17.92 -28.47
C GLN A 50 -17.28 17.70 -27.57
N SER A 51 -17.10 16.85 -26.55
CA SER A 51 -18.17 16.48 -25.63
C SER A 51 -18.77 17.57 -24.78
N GLY A 52 -17.96 18.52 -24.33
CA GLY A 52 -18.46 19.54 -23.45
C GLY A 52 -18.52 18.99 -22.02
N ALA A 53 -17.92 17.81 -21.80
CA ALA A 53 -17.92 17.18 -20.48
C ALA A 53 -17.04 17.95 -19.49
N GLN A 54 -17.47 17.99 -18.23
CA GLN A 54 -16.73 18.70 -17.20
C GLN A 54 -15.37 18.00 -16.92
N TRP A 55 -15.39 16.67 -16.87
CA TRP A 55 -14.16 15.90 -16.61
C TRP A 55 -14.00 14.67 -17.49
N LEU A 56 -12.75 14.25 -17.67
CA LEU A 56 -12.47 13.02 -18.41
C LEU A 56 -12.10 12.01 -17.30
N VAL A 57 -12.93 11.00 -17.12
CA VAL A 57 -12.69 10.00 -16.10
C VAL A 57 -12.02 8.73 -16.62
N ILE A 58 -10.75 8.56 -16.25
CA ILE A 58 -9.96 7.40 -16.65
C ILE A 58 -9.99 6.33 -15.56
N LEU A 59 -10.56 5.16 -15.91
CA LEU A 59 -10.71 4.06 -14.96
C LEU A 59 -9.54 3.08 -14.79
N GLY A 60 -8.33 3.47 -15.18
CA GLY A 60 -7.19 2.60 -14.98
C GLY A 60 -6.60 1.74 -16.09
N ASP A 61 -5.30 1.45 -15.94
CA ASP A 61 -4.49 0.66 -16.89
C ASP A 61 -4.26 1.54 -18.10
N VAL A 62 -3.45 2.57 -17.85
CA VAL A 62 -3.09 3.61 -18.78
C VAL A 62 -2.00 3.32 -19.81
N LEU A 63 -0.78 3.03 -19.36
CA LEU A 63 0.35 2.81 -20.28
C LEU A 63 0.84 1.39 -20.53
N ASN A 64 0.81 0.55 -19.50
CA ASN A 64 1.28 -0.82 -19.63
C ASN A 64 0.27 -1.73 -20.35
N HIS A 65 0.76 -2.51 -21.31
CA HIS A 65 -0.11 -3.42 -22.06
C HIS A 65 -0.64 -4.55 -21.18
N GLY A 66 0.13 -4.90 -20.15
CA GLY A 66 -0.28 -5.97 -19.28
C GLY A 66 0.44 -7.24 -19.69
N PRO A 67 1.17 -7.90 -18.78
CA PRO A 67 1.91 -9.12 -19.10
C PRO A 67 1.04 -10.24 -19.69
N ARG A 68 -0.25 -10.22 -19.37
CA ARG A 68 -1.17 -11.24 -19.88
C ARG A 68 -1.67 -10.95 -21.29
N ASN A 69 -1.58 -9.68 -21.71
CA ASN A 69 -2.08 -9.27 -23.02
C ASN A 69 -1.04 -9.09 -24.12
N ALA A 70 -1.49 -9.26 -25.35
CA ALA A 70 -0.61 -9.06 -26.50
C ALA A 70 -0.62 -7.54 -26.65
N LEU A 71 0.39 -6.97 -27.28
CA LEU A 71 0.39 -5.52 -27.44
C LEU A 71 -0.86 -5.12 -28.19
N PRO A 72 -1.48 -3.98 -27.83
CA PRO A 72 -2.67 -3.59 -28.57
C PRO A 72 -2.21 -2.89 -29.85
N GLU A 73 -3.15 -2.48 -30.69
CA GLU A 73 -2.82 -1.78 -31.93
C GLU A 73 -2.27 -0.39 -31.61
N GLY A 74 -1.17 -0.03 -32.24
CA GLY A 74 -0.58 1.29 -32.02
C GLY A 74 0.03 1.52 -30.64
N TYR A 75 0.58 0.47 -30.06
CA TYR A 75 1.21 0.55 -28.73
C TYR A 75 2.36 1.55 -28.72
N ALA A 76 2.16 2.69 -28.07
CA ALA A 76 3.20 3.72 -27.99
C ALA A 76 3.10 4.52 -26.68
N PRO A 77 3.38 3.85 -25.54
CA PRO A 77 3.34 4.42 -24.18
C PRO A 77 3.90 5.83 -24.04
N ALA A 78 5.14 6.01 -24.48
CA ALA A 78 5.79 7.31 -24.38
C ALA A 78 4.94 8.41 -24.99
N LYS A 79 4.40 8.16 -26.19
CA LYS A 79 3.59 9.19 -26.84
C LYS A 79 2.24 9.38 -26.15
N VAL A 80 1.62 8.29 -25.70
CA VAL A 80 0.34 8.43 -24.99
C VAL A 80 0.49 9.40 -23.81
N VAL A 81 1.66 9.36 -23.17
CA VAL A 81 1.93 10.24 -22.02
C VAL A 81 1.86 11.72 -22.39
N GLU A 82 2.59 12.10 -23.44
CA GLU A 82 2.60 13.48 -23.91
C GLU A 82 1.18 13.95 -24.20
N ARG A 83 0.41 13.10 -24.87
CA ARG A 83 -0.97 13.44 -25.23
C ARG A 83 -1.92 13.57 -24.05
N LEU A 84 -1.85 12.64 -23.10
CA LEU A 84 -2.74 12.76 -21.94
C LEU A 84 -2.40 13.98 -21.09
N ASN A 85 -1.12 14.35 -21.02
CA ASN A 85 -0.73 15.51 -20.23
C ASN A 85 -1.24 16.86 -20.74
N GLU A 86 -1.60 16.91 -22.02
CA GLU A 86 -2.11 18.18 -22.57
C GLU A 86 -3.43 18.55 -21.91
N VAL A 87 -4.12 17.56 -21.35
CA VAL A 87 -5.39 17.83 -20.70
C VAL A 87 -5.40 17.41 -19.20
N ALA A 88 -4.21 17.32 -18.61
CA ALA A 88 -4.04 16.92 -17.22
C ALA A 88 -5.00 17.58 -16.23
N HIS A 89 -5.15 18.89 -16.34
CA HIS A 89 -6.03 19.64 -15.45
C HIS A 89 -7.51 19.25 -15.49
N LYS A 90 -7.89 18.34 -16.39
CA LYS A 90 -9.29 17.94 -16.45
C LYS A 90 -9.51 16.44 -16.30
N VAL A 91 -8.47 15.73 -15.86
CA VAL A 91 -8.58 14.30 -15.66
C VAL A 91 -8.81 13.89 -14.20
N ILE A 92 -9.68 12.90 -14.03
CA ILE A 92 -10.01 12.31 -12.73
C ILE A 92 -9.76 10.81 -13.00
N ALA A 93 -8.76 10.22 -12.36
CA ALA A 93 -8.46 8.81 -12.59
C ALA A 93 -8.38 7.93 -11.33
N VAL A 94 -8.42 6.62 -11.53
CA VAL A 94 -8.30 5.65 -10.44
C VAL A 94 -7.32 4.57 -10.90
N ARG A 95 -6.57 4.04 -9.94
CA ARG A 95 -5.54 3.04 -10.18
C ARG A 95 -5.99 1.67 -10.71
N GLY A 96 -5.32 1.22 -11.78
CA GLY A 96 -5.62 -0.08 -12.36
C GLY A 96 -4.53 -1.08 -11.96
N ASN A 97 -4.80 -2.37 -12.02
CA ASN A 97 -3.81 -3.38 -11.64
C ASN A 97 -2.53 -3.36 -12.45
N CYS A 98 -2.56 -2.72 -13.62
CA CYS A 98 -1.39 -2.65 -14.48
C CYS A 98 -0.62 -1.35 -14.35
N ASP A 99 -1.16 -0.38 -13.62
CA ASP A 99 -0.45 0.89 -13.45
C ASP A 99 0.60 0.80 -12.34
N SER A 100 1.75 1.41 -12.56
CA SER A 100 2.84 1.40 -11.58
C SER A 100 3.25 2.84 -11.27
N GLU A 101 4.25 3.01 -10.42
CA GLU A 101 4.68 4.36 -10.07
C GLU A 101 5.49 5.08 -11.17
N VAL A 102 6.10 4.34 -12.07
CA VAL A 102 6.83 4.99 -13.17
C VAL A 102 5.77 5.73 -14.01
N ASP A 103 4.57 5.15 -14.08
CA ASP A 103 3.48 5.75 -14.83
C ASP A 103 3.04 7.03 -14.15
N GLN A 104 3.04 7.03 -12.82
CA GLN A 104 2.64 8.22 -12.08
C GLN A 104 3.67 9.31 -12.25
N MET A 105 4.96 8.94 -12.31
CA MET A 105 5.98 9.96 -12.47
C MET A 105 5.95 10.59 -13.89
N LEU A 106 5.35 9.89 -14.85
CA LEU A 106 5.26 10.40 -16.22
C LEU A 106 4.01 11.25 -16.44
N LEU A 107 2.88 10.79 -15.92
CA LEU A 107 1.60 11.49 -16.06
C LEU A 107 1.43 12.62 -15.05
N HIS A 108 0.92 13.76 -15.53
CA HIS A 108 0.75 14.95 -14.70
C HIS A 108 -0.57 15.12 -13.97
N PHE A 109 -1.25 14.01 -13.71
CA PHE A 109 -2.50 14.04 -12.96
C PHE A 109 -2.44 12.82 -12.02
N PRO A 110 -3.11 12.89 -10.86
CA PRO A 110 -3.15 11.80 -9.87
C PRO A 110 -3.79 10.50 -10.35
N ILE A 111 -3.04 9.41 -10.32
CA ILE A 111 -3.59 8.12 -10.75
C ILE A 111 -3.50 7.01 -9.69
N THR A 112 -3.00 7.32 -8.49
CA THR A 112 -2.85 6.30 -7.44
C THR A 112 -4.07 5.96 -6.59
N ALA A 113 -5.05 6.86 -6.51
CA ALA A 113 -6.25 6.59 -5.72
C ALA A 113 -6.96 5.32 -6.19
N PRO A 114 -7.33 4.42 -5.26
CA PRO A 114 -8.02 3.17 -5.61
C PRO A 114 -9.49 3.33 -5.96
N TRP A 115 -10.09 4.44 -5.53
CA TRP A 115 -11.48 4.77 -5.81
C TRP A 115 -11.72 6.24 -5.54
N GLN A 116 -12.81 6.78 -6.10
CA GLN A 116 -13.20 8.17 -5.92
C GLN A 116 -14.71 8.23 -6.12
N GLN A 117 -15.32 9.38 -5.85
CA GLN A 117 -16.77 9.47 -5.93
C GLN A 117 -17.36 10.65 -6.70
N VAL A 118 -18.59 10.45 -7.17
CA VAL A 118 -19.35 11.49 -7.85
C VAL A 118 -20.69 11.50 -7.16
N LEU A 119 -21.13 12.67 -6.71
CA LEU A 119 -22.42 12.77 -6.04
C LEU A 119 -23.46 13.51 -6.87
N LEU A 120 -24.58 12.87 -7.14
CA LEU A 120 -25.65 13.50 -7.89
C LEU A 120 -26.67 14.04 -6.89
N GLU A 121 -27.94 14.13 -7.28
CA GLU A 121 -28.96 14.66 -6.36
C GLU A 121 -29.23 13.71 -5.21
N LYS A 122 -29.57 12.47 -5.54
CA LYS A 122 -29.87 11.46 -4.53
C LYS A 122 -29.14 10.16 -4.80
N GLN A 123 -28.16 10.22 -5.70
CA GLN A 123 -27.41 9.02 -6.06
C GLN A 123 -25.91 9.20 -5.98
N ARG A 124 -25.22 8.08 -5.86
CA ARG A 124 -23.78 8.05 -5.74
C ARG A 124 -23.11 7.15 -6.78
N LEU A 125 -22.06 7.66 -7.43
CA LEU A 125 -21.31 6.87 -8.41
C LEU A 125 -19.97 6.47 -7.77
N PHE A 126 -19.72 5.17 -7.68
CA PHE A 126 -18.49 4.66 -7.11
C PHE A 126 -17.52 4.26 -8.21
N LEU A 127 -16.47 5.07 -8.42
CA LEU A 127 -15.46 4.82 -9.47
C LEU A 127 -14.25 4.01 -9.00
N THR A 128 -14.02 2.85 -9.64
CA THR A 128 -12.89 2.00 -9.29
C THR A 128 -12.48 1.19 -10.55
N HIS A 129 -11.25 0.67 -10.58
CA HIS A 129 -10.79 -0.08 -11.74
C HIS A 129 -11.46 -1.42 -11.95
N GLY A 130 -11.60 -2.19 -10.87
CA GLY A 130 -12.24 -3.48 -11.00
C GLY A 130 -11.50 -4.66 -10.39
N HIS A 131 -10.25 -4.47 -10.01
CA HIS A 131 -9.50 -5.58 -9.42
C HIS A 131 -9.58 -5.61 -7.89
N LEU A 132 -9.96 -4.50 -7.28
CA LEU A 132 -10.09 -4.39 -5.82
C LEU A 132 -11.58 -4.60 -5.48
N PHE A 133 -12.42 -3.74 -6.06
CA PHE A 133 -13.87 -3.84 -5.88
C PHE A 133 -14.44 -4.06 -7.27
N GLY A 134 -15.51 -4.82 -7.37
CA GLY A 134 -16.09 -5.08 -8.68
C GLY A 134 -17.34 -5.92 -8.61
N PRO A 135 -17.81 -6.46 -9.74
CA PRO A 135 -19.01 -7.30 -9.84
C PRO A 135 -19.02 -8.47 -8.88
N GLU A 136 -17.84 -9.00 -8.59
CA GLU A 136 -17.72 -10.14 -7.69
C GLU A 136 -17.22 -9.81 -6.30
N ASN A 137 -17.13 -8.52 -6.00
CA ASN A 137 -16.72 -8.04 -4.68
C ASN A 137 -17.21 -6.61 -4.56
N LEU A 138 -18.51 -6.49 -4.31
CA LEU A 138 -19.18 -5.21 -4.21
C LEU A 138 -18.87 -4.32 -3.01
N PRO A 139 -18.70 -3.02 -3.26
CA PRO A 139 -18.42 -2.09 -2.17
C PRO A 139 -19.79 -1.92 -1.51
N ALA A 140 -19.85 -1.36 -0.32
CA ALA A 140 -21.13 -1.16 0.33
C ALA A 140 -21.79 0.04 -0.35
N LEU A 141 -22.98 -0.14 -0.90
CA LEU A 141 -23.66 0.95 -1.58
C LEU A 141 -25.14 0.98 -1.26
N ASN A 142 -25.75 2.15 -1.44
CA ASN A 142 -27.16 2.32 -1.17
C ASN A 142 -27.97 1.95 -2.41
N GLN A 143 -29.28 1.83 -2.27
CA GLN A 143 -30.15 1.49 -3.38
C GLN A 143 -30.11 2.62 -4.42
N ASN A 144 -30.01 2.24 -5.69
CA ASN A 144 -29.96 3.19 -6.80
C ASN A 144 -28.61 3.87 -7.00
N ASP A 145 -27.56 3.31 -6.39
CA ASP A 145 -26.21 3.85 -6.58
C ASP A 145 -25.60 3.12 -7.78
N VAL A 146 -24.47 3.60 -8.26
CA VAL A 146 -23.83 2.98 -9.41
C VAL A 146 -22.40 2.51 -9.20
N LEU A 147 -22.12 1.25 -9.50
CA LEU A 147 -20.75 0.76 -9.41
C LEU A 147 -20.14 0.98 -10.81
N VAL A 148 -19.17 1.88 -10.91
CA VAL A 148 -18.51 2.18 -12.19
C VAL A 148 -17.11 1.57 -12.23
N TYR A 149 -16.90 0.63 -13.14
CA TYR A 149 -15.60 -0.05 -13.26
C TYR A 149 -15.17 -0.47 -14.68
N GLY A 150 -13.91 -0.88 -14.81
CA GLY A 150 -13.35 -1.34 -16.07
C GLY A 150 -12.77 -2.74 -15.88
N HIS A 151 -11.50 -2.90 -16.18
CA HIS A 151 -10.80 -4.17 -15.97
C HIS A 151 -11.20 -5.43 -16.75
N THR A 152 -12.50 -5.70 -16.89
CA THR A 152 -12.93 -6.91 -17.61
C THR A 152 -12.88 -6.74 -19.14
N HIS A 153 -12.90 -5.50 -19.60
CA HIS A 153 -12.91 -5.21 -21.03
C HIS A 153 -14.23 -5.66 -21.64
N LEU A 154 -15.27 -5.75 -20.81
CA LEU A 154 -16.60 -6.14 -21.27
C LEU A 154 -17.57 -5.04 -20.87
N PRO A 155 -18.20 -4.39 -21.86
CA PRO A 155 -19.16 -3.30 -21.59
C PRO A 155 -20.41 -3.75 -20.85
N VAL A 156 -20.87 -2.93 -19.92
CA VAL A 156 -22.06 -3.25 -19.16
C VAL A 156 -22.81 -1.96 -18.85
N ALA A 157 -24.14 -2.05 -18.83
CA ALA A 157 -24.98 -0.90 -18.50
C ALA A 157 -26.32 -1.50 -18.15
N GLU A 158 -26.55 -1.74 -16.87
CA GLU A 158 -27.79 -2.36 -16.44
C GLU A 158 -27.97 -2.31 -14.93
N GLN A 159 -29.20 -2.55 -14.50
CA GLN A 159 -29.50 -2.59 -13.08
C GLN A 159 -29.33 -4.04 -12.66
N ARG A 160 -28.51 -4.25 -11.64
CA ARG A 160 -28.28 -5.60 -11.12
C ARG A 160 -28.69 -5.62 -9.66
N GLY A 161 -29.88 -6.13 -9.39
CA GLY A 161 -30.37 -6.15 -8.02
C GLY A 161 -30.90 -4.78 -7.65
N GLU A 162 -30.26 -4.15 -6.65
CA GLU A 162 -30.69 -2.84 -6.19
C GLU A 162 -29.77 -1.70 -6.62
N ILE A 163 -28.66 -2.03 -7.29
CA ILE A 163 -27.75 -1.00 -7.76
C ILE A 163 -27.53 -1.12 -9.26
N PHE A 164 -26.85 -0.13 -9.83
CA PHE A 164 -26.57 -0.11 -11.25
C PHE A 164 -25.09 -0.43 -11.50
N HIS A 165 -24.82 -1.23 -12.52
CA HIS A 165 -23.44 -1.55 -12.90
C HIS A 165 -23.17 -0.84 -14.23
N PHE A 166 -21.99 -0.24 -14.36
CA PHE A 166 -21.62 0.45 -15.59
C PHE A 166 -20.13 0.25 -15.87
N ASN A 167 -19.83 -0.30 -17.06
CA ASN A 167 -18.46 -0.56 -17.52
C ASN A 167 -18.35 -0.11 -18.98
N PRO A 168 -17.51 0.90 -19.27
CA PRO A 168 -17.24 1.50 -20.60
C PRO A 168 -16.57 0.54 -21.56
N GLY A 169 -16.07 -0.57 -21.02
CA GLY A 169 -15.38 -1.53 -21.84
C GLY A 169 -13.99 -0.95 -22.06
N SER A 170 -13.19 -1.59 -22.92
CA SER A 170 -11.84 -1.09 -23.22
C SER A 170 -11.81 -0.28 -24.52
N VAL A 171 -11.03 0.80 -24.54
CA VAL A 171 -10.93 1.62 -25.74
C VAL A 171 -9.89 1.01 -26.68
N SER A 172 -9.22 -0.06 -26.26
CA SER A 172 -8.19 -0.65 -27.10
C SER A 172 -8.20 -2.17 -27.27
N ILE A 173 -8.70 -2.90 -26.29
CA ILE A 173 -8.71 -4.37 -26.40
C ILE A 173 -10.03 -4.97 -25.94
N PRO A 174 -11.13 -4.63 -26.63
CA PRO A 174 -12.43 -5.19 -26.23
C PRO A 174 -12.47 -6.71 -26.31
N LYS A 175 -13.31 -7.32 -25.48
CA LYS A 175 -13.48 -8.78 -25.47
C LYS A 175 -14.92 -9.09 -25.82
N GLY A 176 -15.21 -10.38 -26.04
CA GLY A 176 -16.56 -10.79 -26.37
C GLY A 176 -17.10 -10.32 -27.71
N GLY A 177 -16.19 -10.00 -28.64
CA GLY A 177 -16.61 -9.56 -29.95
C GLY A 177 -17.17 -8.16 -30.02
N ASN A 178 -17.01 -7.38 -28.95
CA ASN A 178 -17.51 -6.01 -28.92
C ASN A 178 -16.53 -5.03 -29.56
N PRO A 179 -17.02 -3.84 -29.96
CA PRO A 179 -16.18 -2.81 -30.57
C PRO A 179 -15.44 -2.07 -29.47
N ALA A 180 -14.33 -1.41 -29.82
CA ALA A 180 -13.60 -0.61 -28.85
C ALA A 180 -14.61 0.43 -28.39
N SER A 181 -14.65 0.75 -27.09
CA SER A 181 -15.64 1.70 -26.58
C SER A 181 -15.21 2.66 -25.48
N TYR A 182 -16.06 3.65 -25.21
CA TYR A 182 -15.87 4.63 -24.16
C TYR A 182 -17.22 4.83 -23.51
N GLY A 183 -17.31 5.72 -22.52
CA GLY A 183 -18.59 5.91 -21.85
C GLY A 183 -18.91 7.36 -21.61
N MET A 184 -20.17 7.64 -21.31
CA MET A 184 -20.59 9.01 -21.07
C MET A 184 -21.74 9.06 -20.06
N LEU A 185 -21.78 10.13 -19.28
CA LEU A 185 -22.86 10.34 -18.33
C LEU A 185 -23.45 11.66 -18.79
N ASP A 186 -24.72 11.65 -19.15
CA ASP A 186 -25.35 12.89 -19.57
C ASP A 186 -26.54 13.11 -18.65
N ASN A 187 -26.22 13.67 -17.50
CA ASN A 187 -27.19 13.97 -16.45
C ASN A 187 -27.77 12.72 -15.78
N ASP A 188 -28.69 12.02 -16.43
CA ASP A 188 -29.27 10.82 -15.83
C ASP A 188 -29.18 9.52 -16.63
N VAL A 189 -28.35 9.50 -17.66
CA VAL A 189 -28.20 8.27 -18.45
C VAL A 189 -26.72 7.95 -18.64
N LEU A 190 -26.38 6.67 -18.52
CA LEU A 190 -25.01 6.22 -18.71
C LEU A 190 -24.97 5.39 -19.99
N SER A 191 -24.08 5.75 -20.91
CA SER A 191 -23.99 5.04 -22.19
C SER A 191 -22.62 4.52 -22.58
N VAL A 192 -22.59 3.31 -23.13
CA VAL A 192 -21.36 2.72 -23.65
C VAL A 192 -21.44 3.02 -25.15
N ILE A 193 -20.43 3.69 -25.69
CA ILE A 193 -20.40 4.11 -27.09
C ILE A 193 -19.20 3.61 -27.88
N ALA A 194 -19.46 3.07 -29.08
CA ALA A 194 -18.37 2.57 -29.95
C ALA A 194 -17.46 3.74 -30.30
N LEU A 195 -16.15 3.50 -30.24
CA LEU A 195 -15.17 4.54 -30.52
C LEU A 195 -15.12 4.99 -31.99
N ASN A 196 -15.35 4.07 -32.93
CA ASN A 196 -15.32 4.44 -34.35
C ASN A 196 -16.66 5.02 -34.82
N ASP A 197 -17.71 4.20 -34.74
CA ASP A 197 -19.05 4.54 -35.18
C ASP A 197 -19.77 5.61 -34.36
N GLN A 198 -19.48 5.64 -33.06
CA GLN A 198 -20.15 6.54 -32.11
C GLN A 198 -21.57 6.04 -31.95
N SER A 199 -21.75 4.74 -32.15
CA SER A 199 -23.05 4.11 -32.02
C SER A 199 -23.20 3.56 -30.59
N ILE A 200 -24.44 3.50 -30.12
CA ILE A 200 -24.75 3.03 -28.77
C ILE A 200 -24.65 1.51 -28.60
N ILE A 201 -23.72 1.07 -27.75
CA ILE A 201 -23.53 -0.35 -27.49
C ILE A 201 -24.44 -0.80 -26.33
N ALA A 202 -24.64 0.10 -25.38
CA ALA A 202 -25.47 -0.21 -24.21
C ALA A 202 -25.70 1.07 -23.43
N GLN A 203 -26.86 1.17 -22.76
CA GLN A 203 -27.13 2.36 -21.97
C GLN A 203 -28.18 2.07 -20.90
N VAL A 204 -28.14 2.83 -19.80
CA VAL A 204 -29.09 2.62 -18.72
C VAL A 204 -29.45 3.96 -18.11
N ALA A 205 -30.72 4.11 -17.76
CA ALA A 205 -31.17 5.35 -17.12
C ALA A 205 -31.17 5.07 -15.62
N ILE A 206 -30.55 5.95 -14.85
CA ILE A 206 -30.47 5.75 -13.41
C ILE A 206 -31.47 6.58 -12.59
N ASN A 207 -32.52 7.09 -13.22
CA ASN A 207 -33.52 7.91 -12.52
C ASN A 207 -34.18 7.10 -11.43
N PRO A 208 -34.37 7.69 -10.26
CA PRO A 208 -34.99 7.07 -9.10
C PRO A 208 -36.40 7.57 -8.81
N MET B 25 26.85 -19.10 14.51
CA MET B 25 27.59 -17.80 14.62
C MET B 25 26.67 -16.58 14.63
N MET B 26 25.39 -16.80 14.90
CA MET B 26 24.44 -15.69 14.95
C MET B 26 23.39 -15.86 16.04
N LYS B 27 23.16 -14.78 16.79
CA LYS B 27 22.20 -14.81 17.89
C LYS B 27 21.13 -13.73 17.75
N LEU B 28 19.86 -14.10 17.85
CA LEU B 28 18.79 -13.14 17.73
C LEU B 28 17.70 -13.35 18.79
N MET B 29 17.12 -12.24 19.25
CA MET B 29 16.04 -12.30 20.21
C MET B 29 14.77 -11.83 19.47
N PHE B 30 13.65 -12.50 19.73
CA PHE B 30 12.38 -12.19 19.10
C PHE B 30 11.28 -11.82 20.08
N ALA B 31 10.55 -10.74 19.79
CA ALA B 31 9.44 -10.31 20.61
C ALA B 31 8.29 -10.00 19.64
N SER B 32 7.07 -10.43 19.99
CA SER B 32 5.93 -10.19 19.14
C SER B 32 4.64 -9.89 19.90
N ASP B 33 3.72 -9.21 19.22
CA ASP B 33 2.43 -8.85 19.76
C ASP B 33 2.49 -8.23 21.17
N ILE B 34 3.20 -7.11 21.24
CA ILE B 34 3.38 -6.33 22.44
C ILE B 34 2.07 -5.63 22.79
N HIS B 35 1.42 -5.08 21.76
CA HIS B 35 0.14 -4.40 21.94
C HIS B 35 0.11 -3.32 23.03
N GLY B 36 1.21 -2.57 23.17
CA GLY B 36 1.24 -1.50 24.16
C GLY B 36 1.46 -1.83 25.63
N SER B 37 1.76 -3.08 25.96
CA SER B 37 2.00 -3.48 27.37
C SER B 37 3.37 -2.98 27.85
N LEU B 38 3.39 -2.00 28.74
CA LEU B 38 4.66 -1.49 29.25
C LEU B 38 5.48 -2.51 30.07
N PRO B 39 4.80 -3.32 30.92
CA PRO B 39 5.55 -4.32 31.72
C PRO B 39 6.27 -5.32 30.81
N ALA B 40 5.54 -5.88 29.83
CA ALA B 40 6.14 -6.82 28.90
C ALA B 40 7.34 -6.17 28.23
N THR B 41 7.18 -4.90 27.84
CA THR B 41 8.24 -4.14 27.17
C THR B 41 9.50 -3.95 28.00
N GLU B 42 9.34 -3.54 29.25
CA GLU B 42 10.51 -3.33 30.10
C GLU B 42 11.27 -4.62 30.33
N ARG B 43 10.54 -5.72 30.48
CA ARG B 43 11.15 -7.03 30.68
C ARG B 43 11.87 -7.52 29.41
N VAL B 44 11.23 -7.34 28.25
CA VAL B 44 11.84 -7.74 26.98
C VAL B 44 13.17 -7.02 26.88
N LEU B 45 13.14 -5.73 27.18
CA LEU B 45 14.35 -4.91 27.10
C LEU B 45 15.46 -5.26 28.10
N GLU B 46 15.12 -5.73 29.30
CA GLU B 46 16.22 -6.08 30.23
C GLU B 46 16.79 -7.40 29.76
N LEU B 47 15.92 -8.31 29.31
CA LEU B 47 16.38 -9.59 28.79
C LEU B 47 17.25 -9.37 27.54
N PHE B 48 16.83 -8.43 26.68
CA PHE B 48 17.60 -8.15 25.49
C PHE B 48 19.00 -7.68 25.85
N ALA B 49 19.07 -6.78 26.83
CA ALA B 49 20.36 -6.25 27.26
C ALA B 49 21.29 -7.33 27.80
N GLN B 50 20.72 -8.40 28.36
CA GLN B 50 21.51 -9.49 28.94
C GLN B 50 21.87 -10.60 27.95
N SER B 51 21.09 -10.71 26.88
CA SER B 51 21.25 -11.75 25.87
C SER B 51 22.53 -11.78 25.05
N GLY B 52 23.09 -10.61 24.74
CA GLY B 52 24.28 -10.59 23.91
C GLY B 52 23.90 -10.80 22.45
N ALA B 53 22.62 -10.70 22.13
CA ALA B 53 22.13 -10.87 20.75
C ALA B 53 22.47 -9.65 19.90
N GLN B 54 22.79 -9.88 18.62
CA GLN B 54 23.11 -8.76 17.74
C GLN B 54 21.89 -7.87 17.49
N TRP B 55 20.72 -8.48 17.34
CA TRP B 55 19.50 -7.71 17.07
C TRP B 55 18.25 -8.13 17.85
N LEU B 56 17.34 -7.17 18.05
CA LEU B 56 16.07 -7.45 18.70
C LEU B 56 15.06 -7.43 17.55
N VAL B 57 14.48 -8.58 17.25
CA VAL B 57 13.52 -8.70 16.18
C VAL B 57 12.07 -8.63 16.63
N ILE B 58 11.44 -7.50 16.33
CA ILE B 58 10.05 -7.25 16.69
C ILE B 58 9.13 -7.65 15.52
N LEU B 59 8.31 -8.67 15.74
CA LEU B 59 7.42 -9.18 14.70
C LEU B 59 6.05 -8.51 14.50
N GLY B 60 5.88 -7.27 14.98
CA GLY B 60 4.61 -6.59 14.76
C GLY B 60 3.55 -6.48 15.85
N ASP B 61 2.72 -5.43 15.72
CA ASP B 61 1.65 -5.10 16.66
C ASP B 61 2.33 -4.61 17.94
N VAL B 62 2.91 -3.41 17.81
CA VAL B 62 3.68 -2.76 18.84
C VAL B 62 2.93 -1.93 19.89
N LEU B 63 2.18 -0.92 19.46
CA LEU B 63 1.48 -0.04 20.39
C LEU B 63 -0.03 -0.18 20.57
N ASN B 64 -0.73 -0.50 19.48
CA ASN B 64 -2.19 -0.61 19.52
C ASN B 64 -2.64 -1.95 20.15
N HIS B 65 -3.58 -1.86 21.09
CA HIS B 65 -4.09 -3.05 21.75
C HIS B 65 -4.87 -3.93 20.79
N GLY B 66 -5.43 -3.30 19.76
CA GLY B 66 -6.21 -4.05 18.78
C GLY B 66 -7.67 -3.94 19.13
N PRO B 67 -8.52 -3.46 18.21
CA PRO B 67 -9.97 -3.30 18.40
C PRO B 67 -10.70 -4.54 18.92
N ARG B 68 -10.14 -5.72 18.64
CA ARG B 68 -10.77 -6.96 19.08
C ARG B 68 -10.26 -7.47 20.43
N ASN B 69 -9.16 -6.91 20.91
CA ASN B 69 -8.59 -7.35 22.18
C ASN B 69 -8.92 -6.42 23.34
N ALA B 70 -9.04 -6.99 24.53
CA ALA B 70 -9.29 -6.18 25.72
C ALA B 70 -7.93 -5.58 26.01
N LEU B 71 -7.88 -4.45 26.70
CA LEU B 71 -6.58 -3.85 27.00
C LEU B 71 -5.66 -4.84 27.69
N PRO B 72 -4.36 -4.78 27.38
CA PRO B 72 -3.43 -5.71 28.02
C PRO B 72 -3.14 -5.20 29.43
N GLU B 73 -2.39 -5.96 30.21
CA GLU B 73 -2.01 -5.56 31.56
C GLU B 73 -0.96 -4.47 31.39
N GLY B 74 -1.14 -3.35 32.09
CA GLY B 74 -0.18 -2.26 32.00
C GLY B 74 -0.12 -1.54 30.66
N TYR B 75 -1.28 -1.37 30.03
CA TYR B 75 -1.37 -0.70 28.74
C TYR B 75 -0.91 0.75 28.85
N ALA B 76 0.24 1.07 28.27
CA ALA B 76 0.78 2.43 28.32
C ALA B 76 1.63 2.74 27.07
N PRO B 77 0.98 2.78 25.90
CA PRO B 77 1.59 3.05 24.59
C PRO B 77 2.61 4.17 24.59
N ALA B 78 2.24 5.30 25.17
CA ALA B 78 3.13 6.46 25.20
C ALA B 78 4.47 6.13 25.84
N LYS B 79 4.45 5.40 26.95
CA LYS B 79 5.69 5.05 27.63
C LYS B 79 6.44 3.94 26.87
N VAL B 80 5.71 2.98 26.31
CA VAL B 80 6.36 1.91 25.55
C VAL B 80 7.24 2.53 24.46
N VAL B 81 6.74 3.59 23.84
CA VAL B 81 7.48 4.28 22.78
C VAL B 81 8.85 4.79 23.28
N GLU B 82 8.84 5.50 24.41
CA GLU B 82 10.08 6.03 25.00
C GLU B 82 11.10 4.92 25.21
N ARG B 83 10.63 3.80 25.78
CA ARG B 83 11.50 2.66 26.08
C ARG B 83 12.08 1.98 24.86
N LEU B 84 11.25 1.68 23.86
CA LEU B 84 11.76 1.02 22.66
C LEU B 84 12.77 1.89 21.92
N ASN B 85 12.55 3.20 21.90
CA ASN B 85 13.46 4.11 21.21
C ASN B 85 14.87 4.13 21.78
N GLU B 86 15.02 3.69 23.04
CA GLU B 86 16.35 3.67 23.67
C GLU B 86 17.27 2.69 22.94
N VAL B 87 16.71 1.65 22.33
CA VAL B 87 17.50 0.67 21.60
C VAL B 87 17.17 0.64 20.09
N ALA B 88 16.62 1.75 19.59
CA ALA B 88 16.23 1.85 18.17
C ALA B 88 17.29 1.38 17.18
N HIS B 89 18.55 1.70 17.43
CA HIS B 89 19.63 1.30 16.52
C HIS B 89 19.89 -0.20 16.47
N LYS B 90 19.18 -0.98 17.27
CA LYS B 90 19.40 -2.43 17.25
C LYS B 90 18.14 -3.22 16.99
N VAL B 91 17.10 -2.54 16.52
CA VAL B 91 15.83 -3.20 16.22
C VAL B 91 15.63 -3.47 14.74
N ILE B 92 15.06 -4.63 14.44
CA ILE B 92 14.71 -5.06 13.08
C ILE B 92 13.25 -5.44 13.28
N ALA B 93 12.33 -4.75 12.62
CA ALA B 93 10.91 -5.05 12.78
C ALA B 93 10.14 -5.23 11.47
N VAL B 94 8.96 -5.84 11.57
CA VAL B 94 8.06 -6.03 10.42
C VAL B 94 6.65 -5.61 10.84
N ARG B 95 5.92 -5.05 9.88
CA ARG B 95 4.57 -4.53 10.11
C ARG B 95 3.49 -5.52 10.53
N GLY B 96 2.77 -5.17 11.60
CA GLY B 96 1.69 -6.00 12.07
C GLY B 96 0.35 -5.39 11.66
N ASN B 97 -0.70 -6.20 11.60
CA ASN B 97 -2.01 -5.71 11.19
C ASN B 97 -2.58 -4.60 12.07
N CYS B 98 -2.03 -4.43 13.27
CA CYS B 98 -2.52 -3.38 14.16
C CYS B 98 -1.63 -2.14 14.17
N ASP B 99 -0.51 -2.20 13.45
CA ASP B 99 0.39 -1.04 13.41
C ASP B 99 -0.05 -0.02 12.35
N SER B 100 0.07 1.27 12.67
CA SER B 100 -0.33 2.32 11.75
C SER B 100 0.76 3.37 11.59
N GLU B 101 0.47 4.40 10.80
CA GLU B 101 1.43 5.47 10.54
C GLU B 101 1.80 6.30 11.77
N VAL B 102 0.86 6.52 12.69
CA VAL B 102 1.16 7.30 13.88
C VAL B 102 2.26 6.58 14.68
N ASP B 103 2.18 5.25 14.70
CA ASP B 103 3.16 4.42 15.39
C ASP B 103 4.55 4.59 14.78
N GLN B 104 4.62 4.63 13.44
CA GLN B 104 5.89 4.79 12.76
C GLN B 104 6.46 6.16 13.04
N MET B 105 5.59 7.16 13.18
CA MET B 105 6.05 8.51 13.46
C MET B 105 6.62 8.63 14.88
N LEU B 106 6.14 7.78 15.79
CA LEU B 106 6.60 7.82 17.17
C LEU B 106 7.87 7.01 17.38
N LEU B 107 7.94 5.84 16.76
CA LEU B 107 9.09 4.95 16.88
C LEU B 107 10.24 5.34 15.95
N HIS B 108 11.46 5.30 16.48
CA HIS B 108 12.64 5.68 15.72
C HIS B 108 13.37 4.58 14.96
N PHE B 109 12.64 3.53 14.61
CA PHE B 109 13.19 2.43 13.82
C PHE B 109 12.12 2.08 12.78
N PRO B 110 12.52 1.57 11.61
CA PRO B 110 11.60 1.18 10.54
C PRO B 110 10.64 0.04 10.89
N ILE B 111 9.33 0.28 10.83
CA ILE B 111 8.36 -0.75 11.14
C ILE B 111 7.36 -1.05 9.99
N THR B 112 7.52 -0.40 8.85
CA THR B 112 6.58 -0.59 7.73
C THR B 112 6.78 -1.79 6.80
N ALA B 113 8.00 -2.31 6.73
CA ALA B 113 8.29 -3.46 5.87
C ALA B 113 7.42 -4.67 6.24
N PRO B 114 6.79 -5.32 5.24
CA PRO B 114 5.92 -6.48 5.44
C PRO B 114 6.66 -7.81 5.73
N TRP B 115 7.94 -7.83 5.40
CA TRP B 115 8.78 -9.00 5.63
C TRP B 115 10.24 -8.60 5.44
N GLN B 116 11.13 -9.40 6.02
CA GLN B 116 12.58 -9.16 5.91
C GLN B 116 13.25 -10.53 6.01
N GLN B 117 14.56 -10.59 5.83
CA GLN B 117 15.23 -11.90 5.83
C GLN B 117 16.52 -12.05 6.63
N VAL B 118 16.75 -13.28 7.06
CA VAL B 118 17.98 -13.65 7.76
C VAL B 118 18.55 -14.82 6.98
N LEU B 119 19.82 -14.73 6.60
CA LEU B 119 20.45 -15.82 5.86
C LEU B 119 21.53 -16.48 6.70
N LEU B 120 21.41 -17.79 6.88
CA LEU B 120 22.40 -18.55 7.64
C LEU B 120 23.29 -19.25 6.61
N GLU B 121 23.94 -20.34 6.99
CA GLU B 121 24.82 -21.05 6.08
C GLU B 121 24.11 -21.55 4.81
N LYS B 122 23.10 -22.39 4.99
CA LYS B 122 22.36 -22.92 3.85
C LYS B 122 20.85 -22.80 3.95
N GLN B 123 20.37 -21.95 4.86
CA GLN B 123 18.92 -21.79 4.98
C GLN B 123 18.59 -20.35 5.32
N ARG B 124 17.33 -19.97 5.12
CA ARG B 124 16.93 -18.60 5.40
C ARG B 124 15.71 -18.56 6.31
N LEU B 125 15.62 -17.49 7.09
CA LEU B 125 14.49 -17.28 7.99
C LEU B 125 13.66 -16.18 7.36
N PHE B 126 12.37 -16.45 7.16
CA PHE B 126 11.46 -15.47 6.57
C PHE B 126 10.64 -14.83 7.68
N LEU B 127 10.96 -13.58 8.00
CA LEU B 127 10.29 -12.80 9.04
C LEU B 127 9.07 -12.01 8.58
N THR B 128 7.90 -12.32 9.15
CA THR B 128 6.67 -11.62 8.81
C THR B 128 5.72 -11.67 10.02
N HIS B 129 4.71 -10.79 10.07
CA HIS B 129 3.78 -10.76 11.18
C HIS B 129 2.80 -11.93 11.25
N GLY B 130 2.22 -12.29 10.12
CA GLY B 130 1.29 -13.40 10.12
C GLY B 130 -0.06 -13.17 9.49
N HIS B 131 -0.40 -11.91 9.18
CA HIS B 131 -1.69 -11.63 8.57
C HIS B 131 -1.61 -11.62 7.02
N LEU B 132 -0.40 -11.43 6.49
CA LEU B 132 -0.19 -11.42 5.04
C LEU B 132 0.25 -12.83 4.63
N PHE B 133 1.42 -13.24 5.10
CA PHE B 133 1.92 -14.60 4.85
C PHE B 133 1.91 -15.29 6.21
N GLY B 134 1.56 -16.58 6.22
CA GLY B 134 1.52 -17.31 7.48
C GLY B 134 1.28 -18.79 7.29
N PRO B 135 0.95 -19.51 8.38
CA PRO B 135 0.68 -20.96 8.34
C PRO B 135 -0.38 -21.38 7.33
N GLU B 136 -1.34 -20.50 7.08
CA GLU B 136 -2.41 -20.79 6.14
C GLU B 136 -2.27 -20.06 4.80
N ASN B 137 -1.08 -19.53 4.55
CA ASN B 137 -0.76 -18.83 3.32
C ASN B 137 0.75 -18.70 3.28
N LEU B 138 1.41 -19.79 2.94
CA LEU B 138 2.86 -19.87 2.89
C LEU B 138 3.58 -19.16 1.75
N PRO B 139 4.69 -18.49 2.06
CA PRO B 139 5.47 -17.80 1.03
C PRO B 139 6.22 -18.96 0.38
N ALA B 140 6.84 -18.74 -0.77
CA ALA B 140 7.59 -19.80 -1.40
C ALA B 140 8.92 -19.93 -0.66
N LEU B 141 9.24 -21.13 -0.20
CA LEU B 141 10.48 -21.35 0.53
C LEU B 141 11.14 -22.66 0.13
N ASN B 142 12.44 -22.75 0.39
CA ASN B 142 13.20 -23.95 0.06
C ASN B 142 13.15 -24.92 1.25
N GLN B 143 13.63 -26.14 1.02
CA GLN B 143 13.68 -27.18 2.04
C GLN B 143 14.56 -26.72 3.20
N ASN B 144 14.07 -26.92 4.43
CA ASN B 144 14.80 -26.54 5.64
C ASN B 144 14.82 -25.05 5.94
N ASP B 145 13.97 -24.27 5.29
CA ASP B 145 13.91 -22.83 5.58
C ASP B 145 12.95 -22.67 6.76
N VAL B 146 12.88 -21.47 7.33
CA VAL B 146 12.00 -21.23 8.47
C VAL B 146 11.02 -20.08 8.29
N LEU B 147 9.75 -20.34 8.53
CA LEU B 147 8.75 -19.28 8.47
C LEU B 147 8.60 -18.74 9.90
N VAL B 148 9.06 -17.50 10.13
CA VAL B 148 8.98 -16.87 11.44
C VAL B 148 7.86 -15.84 11.50
N TYR B 149 6.86 -16.10 12.34
CA TYR B 149 5.69 -15.21 12.48
C TYR B 149 5.08 -15.11 13.89
N GLY B 150 4.18 -14.15 14.05
CA GLY B 150 3.47 -13.94 15.31
C GLY B 150 1.98 -13.92 15.03
N HIS B 151 1.32 -12.83 15.40
CA HIS B 151 -0.11 -12.66 15.13
C HIS B 151 -1.14 -13.59 15.78
N THR B 152 -0.88 -14.89 15.86
CA THR B 152 -1.85 -15.81 16.46
C THR B 152 -1.81 -15.82 17.99
N HIS B 153 -0.67 -15.40 18.56
CA HIS B 153 -0.47 -15.40 20.02
C HIS B 153 -0.39 -16.83 20.53
N LEU B 154 0.06 -17.74 19.68
CA LEU B 154 0.22 -19.14 20.02
C LEU B 154 1.64 -19.55 19.68
N PRO B 155 2.41 -20.03 20.67
CA PRO B 155 3.81 -20.43 20.45
C PRO B 155 3.94 -21.67 19.56
N VAL B 156 4.94 -21.66 18.69
CA VAL B 156 5.19 -22.79 17.80
C VAL B 156 6.69 -22.95 17.55
N ALA B 157 7.14 -24.19 17.46
CA ALA B 157 8.53 -24.50 17.19
C ALA B 157 8.52 -25.95 16.74
N GLU B 158 8.55 -26.16 15.43
CA GLU B 158 8.49 -27.51 14.91
C GLU B 158 8.72 -27.57 13.40
N GLN B 159 8.92 -28.78 12.89
CA GLN B 159 9.10 -28.98 11.46
C GLN B 159 7.73 -29.36 10.92
N ARG B 160 7.23 -28.57 10.00
CA ARG B 160 5.93 -28.81 9.41
C ARG B 160 6.15 -29.08 7.91
N GLY B 161 6.27 -30.35 7.55
CA GLY B 161 6.49 -30.70 6.17
C GLY B 161 7.96 -30.63 5.80
N GLU B 162 8.33 -29.67 4.96
CA GLU B 162 9.71 -29.51 4.54
C GLU B 162 10.36 -28.25 5.11
N ILE B 163 9.55 -27.40 5.73
CA ILE B 163 10.08 -26.19 6.33
C ILE B 163 9.82 -26.17 7.83
N PHE B 164 10.42 -25.19 8.51
CA PHE B 164 10.26 -25.04 9.94
C PHE B 164 9.37 -23.85 10.26
N HIS B 165 8.46 -24.03 11.21
CA HIS B 165 7.58 -22.94 11.64
C HIS B 165 8.03 -22.50 13.04
N PHE B 166 8.12 -21.18 13.25
CA PHE B 166 8.51 -20.64 14.54
C PHE B 166 7.71 -19.39 14.87
N ASN B 167 7.04 -19.41 16.02
CA ASN B 167 6.21 -18.31 16.52
C ASN B 167 6.54 -18.20 18.01
N PRO B 168 7.13 -17.07 18.45
CA PRO B 168 7.49 -16.90 19.86
C PRO B 168 6.32 -16.48 20.75
N GLY B 169 5.11 -16.58 20.22
CA GLY B 169 3.92 -16.20 20.97
C GLY B 169 3.85 -14.71 21.26
N SER B 170 2.87 -14.30 22.06
CA SER B 170 2.71 -12.90 22.46
C SER B 170 3.38 -12.65 23.81
N VAL B 171 4.03 -11.49 23.94
CA VAL B 171 4.69 -11.16 25.19
C VAL B 171 3.69 -10.55 26.18
N SER B 172 2.44 -10.40 25.77
CA SER B 172 1.45 -9.79 26.66
C SER B 172 0.04 -10.37 26.68
N ILE B 173 -0.38 -11.04 25.60
CA ILE B 173 -1.74 -11.60 25.57
C ILE B 173 -1.72 -13.03 25.02
N PRO B 174 -1.02 -13.93 25.71
CA PRO B 174 -0.92 -15.33 25.29
C PRO B 174 -2.30 -15.97 25.17
N LYS B 175 -2.42 -16.95 24.29
CA LYS B 175 -3.69 -17.66 24.12
C LYS B 175 -3.42 -19.15 24.36
N GLY B 176 -4.49 -19.92 24.47
CA GLY B 176 -4.34 -21.35 24.69
C GLY B 176 -3.75 -21.74 26.04
N GLY B 177 -3.89 -20.87 27.02
CA GLY B 177 -3.36 -21.17 28.35
C GLY B 177 -1.86 -21.11 28.51
N ASN B 178 -1.16 -20.58 27.51
CA ASN B 178 0.30 -20.48 27.56
C ASN B 178 0.75 -19.24 28.34
N PRO B 179 2.02 -19.23 28.77
CA PRO B 179 2.55 -18.07 29.51
C PRO B 179 3.00 -17.03 28.49
N ALA B 180 3.16 -15.79 28.91
CA ALA B 180 3.64 -14.75 28.03
C ALA B 180 5.03 -15.22 27.63
N SER B 181 5.43 -15.00 26.37
CA SER B 181 6.74 -15.47 25.92
C SER B 181 7.48 -14.61 24.88
N TYR B 182 8.73 -14.98 24.63
CA TYR B 182 9.58 -14.34 23.65
C TYR B 182 10.34 -15.48 22.98
N GLY B 183 11.23 -15.17 22.05
CA GLY B 183 11.95 -16.24 21.39
C GLY B 183 13.41 -15.90 21.21
N MET B 184 14.22 -16.91 20.92
CA MET B 184 15.63 -16.69 20.72
C MET B 184 16.19 -17.64 19.68
N LEU B 185 17.21 -17.18 18.95
CA LEU B 185 17.87 -18.03 17.97
C LEU B 185 19.30 -18.09 18.49
N ASP B 186 19.78 -19.29 18.75
CA ASP B 186 21.13 -19.48 19.22
C ASP B 186 21.87 -20.33 18.21
N ASN B 187 22.29 -19.69 17.13
CA ASN B 187 23.01 -20.34 16.04
C ASN B 187 22.14 -21.33 15.26
N ASP B 188 21.86 -22.51 15.83
CA ASP B 188 21.06 -23.50 15.14
C ASP B 188 19.81 -23.98 15.85
N VAL B 189 19.40 -23.29 16.92
CA VAL B 189 18.20 -23.68 17.64
C VAL B 189 17.30 -22.48 17.88
N LEU B 190 16.00 -22.69 17.69
CA LEU B 190 15.01 -21.64 17.91
C LEU B 190 14.17 -22.05 19.13
N SER B 191 14.10 -21.17 20.12
CA SER B 191 13.35 -21.47 21.35
C SER B 191 12.32 -20.43 21.78
N VAL B 192 11.18 -20.93 22.24
CA VAL B 192 10.12 -20.09 22.76
C VAL B 192 10.35 -20.16 24.28
N ILE B 193 10.52 -19.01 24.91
CA ILE B 193 10.82 -18.91 26.34
C ILE B 193 9.82 -18.09 27.15
N ALA B 194 9.38 -18.61 28.27
CA ALA B 194 8.43 -17.89 29.14
C ALA B 194 9.08 -16.61 29.64
N LEU B 195 8.33 -15.50 29.57
CA LEU B 195 8.86 -14.20 30.01
C LEU B 195 9.22 -14.10 31.50
N ASN B 196 8.45 -14.78 32.36
CA ASN B 196 8.72 -14.75 33.81
C ASN B 196 9.80 -15.77 34.22
N ASP B 197 9.47 -17.04 34.09
CA ASP B 197 10.34 -18.18 34.44
C ASP B 197 11.64 -18.27 33.67
N GLN B 198 11.57 -17.93 32.39
CA GLN B 198 12.68 -18.06 31.46
C GLN B 198 12.82 -19.56 31.23
N SER B 199 11.70 -20.27 31.35
CA SER B 199 11.67 -21.70 31.12
C SER B 199 11.27 -21.93 29.67
N ILE B 200 11.75 -23.04 29.10
CA ILE B 200 11.49 -23.40 27.70
C ILE B 200 10.08 -23.90 27.45
N ILE B 201 9.35 -23.18 26.59
CA ILE B 201 7.98 -23.57 26.24
C ILE B 201 8.00 -24.51 25.04
N ALA B 202 8.92 -24.26 24.12
CA ALA B 202 9.06 -25.08 22.92
C ALA B 202 10.35 -24.69 22.22
N GLN B 203 10.96 -25.63 21.50
CA GLN B 203 12.19 -25.34 20.79
C GLN B 203 12.40 -26.35 19.67
N VAL B 204 13.17 -25.97 18.66
CA VAL B 204 13.42 -26.86 17.53
C VAL B 204 14.80 -26.58 16.98
N ALA B 205 15.49 -27.63 16.55
CA ALA B 205 16.81 -27.47 15.97
C ALA B 205 16.61 -27.46 14.44
N ILE B 206 17.17 -26.47 13.76
CA ILE B 206 17.01 -26.37 12.31
C ILE B 206 18.20 -26.87 11.51
N ASN B 207 19.01 -27.74 12.11
CA ASN B 207 20.16 -28.31 11.43
C ASN B 207 19.62 -29.22 10.34
N PRO B 208 20.10 -29.05 9.09
CA PRO B 208 19.70 -29.84 7.91
C PRO B 208 19.01 -31.17 8.19
N MET C 26 29.43 -17.86 2.19
CA MET C 26 28.08 -17.75 1.56
C MET C 26 28.18 -17.17 0.15
N LYS C 27 27.25 -17.58 -0.71
CA LYS C 27 27.25 -17.11 -2.09
C LYS C 27 25.88 -16.62 -2.57
N LEU C 28 25.80 -15.33 -2.87
CA LEU C 28 24.56 -14.71 -3.34
C LEU C 28 24.72 -14.15 -4.76
N MET C 29 23.66 -14.25 -5.56
CA MET C 29 23.70 -13.70 -6.91
C MET C 29 22.69 -12.56 -6.96
N PHE C 30 23.04 -11.49 -7.68
CA PHE C 30 22.16 -10.33 -7.82
C PHE C 30 21.81 -10.06 -9.28
N ALA C 31 20.56 -9.67 -9.52
CA ALA C 31 20.07 -9.35 -10.86
C ALA C 31 19.08 -8.20 -10.72
N SER C 32 19.07 -7.28 -11.69
CA SER C 32 18.16 -6.15 -11.63
C SER C 32 17.76 -5.59 -13.00
N ASP C 33 16.63 -4.89 -13.02
CA ASP C 33 16.16 -4.27 -14.23
C ASP C 33 16.16 -5.26 -15.40
N ILE C 34 15.34 -6.29 -15.28
CA ILE C 34 15.23 -7.34 -16.28
C ILE C 34 14.32 -6.84 -17.41
N HIS C 35 13.27 -6.11 -17.03
CA HIS C 35 12.33 -5.51 -17.98
C HIS C 35 11.72 -6.44 -19.04
N GLY C 36 11.29 -7.64 -18.64
CA GLY C 36 10.67 -8.56 -19.57
C GLY C 36 11.55 -9.32 -20.56
N SER C 37 12.86 -9.08 -20.55
CA SER C 37 13.75 -9.79 -21.48
C SER C 37 13.97 -11.27 -21.17
N LEU C 38 13.37 -12.14 -21.98
CA LEU C 38 13.50 -13.59 -21.79
C LEU C 38 14.94 -14.11 -21.95
N PRO C 39 15.66 -13.65 -22.98
CA PRO C 39 17.03 -14.13 -23.13
C PRO C 39 17.94 -13.77 -21.96
N ALA C 40 17.76 -12.56 -21.43
CA ALA C 40 18.56 -12.12 -20.29
C ALA C 40 18.21 -13.02 -19.09
N THR C 41 16.92 -13.30 -18.94
CA THR C 41 16.44 -14.14 -17.86
C THR C 41 17.06 -15.54 -17.92
N GLU C 42 16.97 -16.18 -19.09
CA GLU C 42 17.50 -17.53 -19.26
C GLU C 42 19.01 -17.61 -19.01
N ARG C 43 19.72 -16.55 -19.33
CA ARG C 43 21.16 -16.52 -19.12
C ARG C 43 21.43 -16.36 -17.62
N VAL C 44 20.59 -15.58 -16.93
CA VAL C 44 20.74 -15.37 -15.50
C VAL C 44 20.52 -16.70 -14.78
N LEU C 45 19.42 -17.38 -15.11
CA LEU C 45 19.10 -18.66 -14.52
C LEU C 45 20.13 -19.74 -14.82
N GLU C 46 20.86 -19.58 -15.91
CA GLU C 46 21.88 -20.54 -16.29
C GLU C 46 23.11 -20.32 -15.40
N LEU C 47 23.50 -19.06 -15.27
CA LEU C 47 24.65 -18.70 -14.45
C LEU C 47 24.37 -18.97 -12.97
N PHE C 48 23.11 -18.84 -12.57
CA PHE C 48 22.72 -19.08 -11.19
C PHE C 48 22.92 -20.55 -10.87
N ALA C 49 22.44 -21.41 -11.75
CA ALA C 49 22.56 -22.86 -11.59
C ALA C 49 24.02 -23.34 -11.57
N GLN C 50 24.87 -22.70 -12.36
CA GLN C 50 26.28 -23.09 -12.43
C GLN C 50 27.13 -22.47 -11.32
N SER C 51 26.65 -21.36 -10.77
CA SER C 51 27.38 -20.65 -9.71
C SER C 51 27.34 -21.40 -8.37
N GLY C 52 26.23 -22.07 -8.10
CA GLY C 52 26.09 -22.79 -6.85
C GLY C 52 25.49 -21.90 -5.77
N ALA C 53 25.36 -20.61 -6.08
CA ALA C 53 24.78 -19.65 -5.14
C ALA C 53 23.51 -20.19 -4.53
N GLN C 54 23.25 -19.81 -3.29
CA GLN C 54 22.08 -20.30 -2.58
C GLN C 54 20.81 -19.50 -2.87
N TRP C 55 20.95 -18.20 -3.05
CA TRP C 55 19.78 -17.36 -3.32
C TRP C 55 20.02 -16.39 -4.48
N LEU C 56 18.90 -15.95 -5.05
CA LEU C 56 18.93 -15.00 -6.15
C LEU C 56 18.16 -13.74 -5.74
N VAL C 57 18.88 -12.63 -5.59
CA VAL C 57 18.27 -11.38 -5.21
C VAL C 57 17.89 -10.53 -6.43
N ILE C 58 16.59 -10.24 -6.58
CA ILE C 58 16.07 -9.44 -7.70
C ILE C 58 15.63 -8.06 -7.22
N LEU C 59 16.33 -7.04 -7.67
CA LEU C 59 16.08 -5.67 -7.27
C LEU C 59 14.97 -4.86 -7.94
N GLY C 60 14.06 -5.49 -8.68
CA GLY C 60 12.97 -4.74 -9.27
C GLY C 60 12.96 -4.55 -10.79
N ASP C 61 11.81 -4.09 -11.30
CA ASP C 61 11.61 -3.86 -12.74
C ASP C 61 11.86 -5.20 -13.43
N VAL C 62 10.92 -6.12 -13.21
CA VAL C 62 10.99 -7.48 -13.71
C VAL C 62 10.31 -7.82 -15.06
N LEU C 63 9.05 -7.41 -15.24
CA LEU C 63 8.33 -7.74 -16.46
C LEU C 63 8.11 -6.59 -17.43
N ASN C 64 7.73 -5.44 -16.90
CA ASN C 64 7.45 -4.24 -17.67
C ASN C 64 8.70 -3.63 -18.32
N HIS C 65 8.66 -3.45 -19.64
CA HIS C 65 9.81 -2.89 -20.35
C HIS C 65 10.12 -1.47 -19.90
N GLY C 66 9.09 -0.75 -19.46
CA GLY C 66 9.30 0.62 -19.02
C GLY C 66 8.81 1.60 -20.09
N PRO C 67 7.78 2.40 -19.77
CA PRO C 67 7.15 3.40 -20.64
C PRO C 67 8.06 4.26 -21.52
N ARG C 68 9.16 4.75 -20.97
CA ARG C 68 10.05 5.62 -21.72
C ARG C 68 11.12 4.97 -22.59
N ASN C 69 11.13 3.65 -22.69
CA ASN C 69 12.13 3.05 -23.54
C ASN C 69 11.68 1.87 -24.38
N ALA C 70 12.52 1.54 -25.35
CA ALA C 70 12.28 0.45 -26.29
C ALA C 70 12.25 -0.92 -25.63
N LEU C 71 11.59 -1.86 -26.29
CA LEU C 71 11.50 -3.23 -25.82
C LEU C 71 12.90 -3.83 -25.84
N PRO C 72 13.25 -4.60 -24.79
CA PRO C 72 14.57 -5.23 -24.73
C PRO C 72 14.59 -6.47 -25.60
N GLU C 73 15.78 -7.04 -25.77
CA GLU C 73 15.92 -8.25 -26.57
C GLU C 73 15.02 -9.36 -26.06
N GLY C 74 14.33 -10.02 -26.98
CA GLY C 74 13.43 -11.11 -26.62
C GLY C 74 12.37 -10.81 -25.57
N TYR C 75 11.79 -9.61 -25.63
CA TYR C 75 10.74 -9.20 -24.68
C TYR C 75 9.58 -10.20 -24.66
N ALA C 76 9.34 -10.79 -23.50
CA ALA C 76 8.26 -11.76 -23.35
C ALA C 76 7.90 -12.00 -21.88
N PRO C 77 7.21 -11.03 -21.25
CA PRO C 77 6.77 -11.06 -19.85
C PRO C 77 6.20 -12.38 -19.34
N ALA C 78 5.24 -12.93 -20.07
CA ALA C 78 4.61 -14.19 -19.68
C ALA C 78 5.57 -15.36 -19.62
N LYS C 79 6.61 -15.34 -20.43
CA LYS C 79 7.58 -16.43 -20.42
C LYS C 79 8.66 -16.21 -19.38
N VAL C 80 8.97 -14.95 -19.09
CA VAL C 80 9.96 -14.65 -18.07
C VAL C 80 9.35 -15.14 -16.75
N VAL C 81 8.04 -14.90 -16.60
CA VAL C 81 7.28 -15.30 -15.43
C VAL C 81 7.36 -16.82 -15.19
N GLU C 82 7.20 -17.62 -16.23
CA GLU C 82 7.28 -19.07 -16.08
C GLU C 82 8.69 -19.48 -15.68
N ARG C 83 9.69 -18.84 -16.27
CA ARG C 83 11.07 -19.17 -15.94
C ARG C 83 11.40 -18.83 -14.49
N LEU C 84 11.16 -17.59 -14.10
CA LEU C 84 11.46 -17.17 -12.74
C LEU C 84 10.67 -17.97 -11.69
N ASN C 85 9.39 -18.23 -11.93
CA ASN C 85 8.58 -18.98 -10.96
C ASN C 85 9.12 -20.38 -10.65
N GLU C 86 10.08 -20.84 -11.44
CA GLU C 86 10.66 -22.16 -11.24
C GLU C 86 11.70 -22.17 -10.10
N VAL C 87 12.23 -21.00 -9.77
CA VAL C 87 13.20 -20.86 -8.68
C VAL C 87 12.67 -19.86 -7.67
N ALA C 88 11.34 -19.72 -7.64
CA ALA C 88 10.68 -18.77 -6.74
C ALA C 88 11.07 -18.95 -5.28
N HIS C 89 11.25 -20.19 -4.86
CA HIS C 89 11.61 -20.51 -3.48
C HIS C 89 13.03 -20.09 -3.12
N LYS C 90 13.78 -19.59 -4.10
CA LYS C 90 15.14 -19.15 -3.83
C LYS C 90 15.30 -17.67 -4.15
N VAL C 91 14.18 -16.99 -4.38
CA VAL C 91 14.20 -15.56 -4.70
C VAL C 91 13.82 -14.62 -3.55
N ILE C 92 14.59 -13.54 -3.44
CA ILE C 92 14.38 -12.48 -2.46
C ILE C 92 14.22 -11.22 -3.31
N ALA C 93 13.14 -10.46 -3.16
CA ALA C 93 12.97 -9.27 -4.01
C ALA C 93 12.26 -8.05 -3.45
N VAL C 94 12.52 -6.90 -4.09
CA VAL C 94 11.89 -5.63 -3.72
C VAL C 94 11.21 -5.00 -4.96
N ARG C 95 10.22 -4.12 -4.71
CA ARG C 95 9.43 -3.47 -5.75
C ARG C 95 10.13 -2.41 -6.61
N GLY C 96 10.18 -2.65 -7.92
CA GLY C 96 10.79 -1.67 -8.81
C GLY C 96 9.76 -0.60 -9.15
N ASN C 97 10.19 0.54 -9.67
CA ASN C 97 9.24 1.60 -10.03
C ASN C 97 8.32 1.18 -11.19
N CYS C 98 8.75 0.17 -11.96
CA CYS C 98 7.96 -0.36 -13.08
C CYS C 98 7.09 -1.55 -12.74
N ASP C 99 7.20 -2.06 -11.52
CA ASP C 99 6.42 -3.23 -11.11
C ASP C 99 5.01 -2.82 -10.64
N SER C 100 4.03 -3.66 -10.93
CA SER C 100 2.66 -3.35 -10.55
C SER C 100 1.93 -4.54 -9.95
N GLU C 101 0.72 -4.28 -9.46
CA GLU C 101 -0.11 -5.32 -8.88
C GLU C 101 -0.27 -6.54 -9.77
N VAL C 102 -0.51 -6.34 -11.06
CA VAL C 102 -0.66 -7.48 -11.97
C VAL C 102 0.62 -8.31 -11.94
N ASP C 103 1.77 -7.66 -11.79
CA ASP C 103 3.03 -8.39 -11.75
C ASP C 103 3.11 -9.32 -10.54
N GLN C 104 2.70 -8.84 -9.36
CA GLN C 104 2.72 -9.69 -8.17
C GLN C 104 1.78 -10.85 -8.35
N MET C 105 0.65 -10.60 -9.00
CA MET C 105 -0.32 -11.67 -9.23
C MET C 105 0.26 -12.82 -10.06
N LEU C 106 1.24 -12.51 -10.90
CA LEU C 106 1.87 -13.53 -11.75
C LEU C 106 3.10 -14.18 -11.12
N LEU C 107 3.92 -13.36 -10.44
CA LEU C 107 5.13 -13.87 -9.82
C LEU C 107 4.85 -14.58 -8.49
N HIS C 108 5.33 -15.81 -8.39
CA HIS C 108 5.12 -16.64 -7.21
C HIS C 108 5.98 -16.33 -5.97
N PHE C 109 6.70 -15.21 -6.01
CA PHE C 109 7.52 -14.78 -4.88
C PHE C 109 7.13 -13.33 -4.57
N PRO C 110 7.34 -12.87 -3.32
CA PRO C 110 7.01 -11.51 -2.86
C PRO C 110 7.87 -10.37 -3.39
N ILE C 111 7.26 -9.48 -4.18
CA ILE C 111 7.97 -8.34 -4.77
C ILE C 111 7.48 -6.97 -4.29
N THR C 112 6.32 -6.93 -3.64
CA THR C 112 5.74 -5.65 -3.21
C THR C 112 6.43 -4.79 -2.16
N ALA C 113 7.39 -5.32 -1.41
CA ALA C 113 8.06 -4.50 -0.41
C ALA C 113 8.98 -3.47 -1.07
N PRO C 114 8.83 -2.18 -0.70
CA PRO C 114 9.68 -1.14 -1.29
C PRO C 114 11.15 -1.27 -0.87
N TRP C 115 11.38 -1.97 0.22
CA TRP C 115 12.74 -2.18 0.69
C TRP C 115 12.72 -3.36 1.66
N GLN C 116 13.88 -3.98 1.84
CA GLN C 116 13.97 -5.12 2.72
C GLN C 116 15.42 -5.33 3.14
N GLN C 117 15.61 -5.62 4.42
CA GLN C 117 16.96 -5.83 4.92
C GLN C 117 17.24 -7.32 4.94
N VAL C 118 18.49 -7.67 4.71
CA VAL C 118 18.93 -9.06 4.73
C VAL C 118 20.07 -9.13 5.73
N LEU C 119 19.86 -9.90 6.80
CA LEU C 119 20.85 -10.05 7.86
C LEU C 119 21.88 -11.12 7.56
N LEU C 120 23.15 -10.72 7.57
CA LEU C 120 24.25 -11.64 7.33
C LEU C 120 25.04 -11.70 8.63
N GLU C 121 25.94 -12.66 8.73
CA GLU C 121 26.73 -12.82 9.94
C GLU C 121 27.43 -11.54 10.40
N LYS C 122 28.27 -10.97 9.54
CA LYS C 122 29.02 -9.77 9.90
C LYS C 122 28.40 -8.42 9.55
N GLN C 123 27.32 -8.40 8.77
CA GLN C 123 26.67 -7.14 8.43
C GLN C 123 25.30 -7.24 7.76
N ARG C 124 24.71 -6.07 7.52
CA ARG C 124 23.39 -5.93 6.90
C ARG C 124 23.41 -5.53 5.43
N LEU C 125 22.40 -6.01 4.71
CA LEU C 125 22.23 -5.68 3.30
C LEU C 125 20.91 -4.90 3.22
N PHE C 126 20.96 -3.67 2.71
CA PHE C 126 19.73 -2.88 2.56
C PHE C 126 19.33 -2.92 1.08
N LEU C 127 18.31 -3.72 0.78
CA LEU C 127 17.83 -3.88 -0.60
C LEU C 127 16.68 -2.96 -0.96
N THR C 128 16.83 -2.23 -2.06
CA THR C 128 15.79 -1.31 -2.54
C THR C 128 16.02 -1.07 -4.04
N HIS C 129 14.96 -0.71 -4.77
CA HIS C 129 15.13 -0.49 -6.21
C HIS C 129 16.04 0.67 -6.58
N GLY C 130 15.79 1.82 -5.97
CA GLY C 130 16.61 2.99 -6.25
C GLY C 130 15.81 4.26 -6.45
N HIS C 131 14.51 4.13 -6.67
CA HIS C 131 13.68 5.32 -6.90
C HIS C 131 13.16 5.99 -5.64
N LEU C 132 13.01 5.23 -4.57
CA LEU C 132 12.50 5.78 -3.30
C LEU C 132 13.66 6.01 -2.33
N PHE C 133 14.58 5.05 -2.31
CA PHE C 133 15.77 5.10 -1.46
C PHE C 133 16.96 4.79 -2.33
N GLY C 134 18.09 5.40 -2.01
CA GLY C 134 19.30 5.17 -2.79
C GLY C 134 20.37 6.18 -2.43
N PRO C 135 21.41 6.32 -3.27
CA PRO C 135 22.51 7.26 -3.03
C PRO C 135 22.08 8.68 -2.68
N GLU C 136 20.95 9.13 -3.22
CA GLU C 136 20.45 10.48 -2.95
C GLU C 136 19.52 10.58 -1.74
N ASN C 137 19.02 9.44 -1.26
CA ASN C 137 18.14 9.42 -0.09
C ASN C 137 18.50 8.20 0.75
N LEU C 138 19.63 8.29 1.43
CA LEU C 138 20.17 7.20 2.24
C LEU C 138 19.42 6.82 3.51
N PRO C 139 19.38 5.51 3.81
CA PRO C 139 18.73 4.95 5.00
C PRO C 139 19.79 4.91 6.11
N ALA C 140 19.36 4.87 7.37
CA ALA C 140 20.30 4.82 8.49
C ALA C 140 20.89 3.41 8.54
N LEU C 141 22.21 3.31 8.47
CA LEU C 141 22.88 2.00 8.51
C LEU C 141 24.15 2.03 9.33
N ASN C 142 24.75 0.87 9.55
CA ASN C 142 25.99 0.78 10.32
C ASN C 142 27.21 0.80 9.43
N GLN C 143 28.33 1.17 10.02
CA GLN C 143 29.59 1.20 9.29
C GLN C 143 29.80 -0.20 8.69
N ASN C 144 30.15 -0.22 7.40
CA ASN C 144 30.39 -1.43 6.65
C ASN C 144 29.15 -2.22 6.22
N ASP C 145 27.97 -1.64 6.41
CA ASP C 145 26.75 -2.30 5.94
C ASP C 145 26.72 -2.03 4.43
N VAL C 146 25.82 -2.67 3.69
CA VAL C 146 25.80 -2.46 2.25
C VAL C 146 24.48 -1.99 1.66
N LEU C 147 24.54 -0.88 0.93
CA LEU C 147 23.36 -0.34 0.25
C LEU C 147 23.33 -1.01 -1.12
N VAL C 148 22.29 -1.79 -1.35
CA VAL C 148 22.11 -2.53 -2.60
C VAL C 148 20.92 -1.95 -3.38
N TYR C 149 21.16 -1.46 -4.59
CA TYR C 149 20.10 -0.89 -5.40
C TYR C 149 20.36 -1.05 -6.89
N GLY C 150 19.34 -0.74 -7.71
CA GLY C 150 19.47 -0.82 -9.15
C GLY C 150 18.90 0.47 -9.73
N HIS C 151 17.93 0.36 -10.63
CA HIS C 151 17.24 1.50 -11.25
C HIS C 151 18.01 2.41 -12.20
N THR C 152 19.28 2.70 -11.89
CA THR C 152 20.09 3.58 -12.73
C THR C 152 20.71 2.88 -13.94
N HIS C 153 20.78 1.56 -13.87
CA HIS C 153 21.37 0.75 -14.92
C HIS C 153 22.88 0.96 -15.03
N LEU C 154 23.47 1.53 -13.99
CA LEU C 154 24.92 1.77 -13.93
C LEU C 154 25.55 0.88 -12.85
N PRO C 155 26.61 0.13 -13.20
CA PRO C 155 27.28 -0.75 -12.25
C PRO C 155 28.05 0.00 -11.16
N VAL C 156 28.01 -0.53 -9.94
CA VAL C 156 28.72 0.08 -8.81
C VAL C 156 29.14 -0.97 -7.78
N ALA C 157 30.38 -0.85 -7.32
CA ALA C 157 30.95 -1.75 -6.32
C ALA C 157 32.06 -0.96 -5.64
N GLU C 158 31.68 -0.15 -4.65
CA GLU C 158 32.67 0.67 -3.96
C GLU C 158 32.24 1.10 -2.56
N GLN C 159 33.19 1.69 -1.85
CA GLN C 159 32.95 2.19 -0.49
C GLN C 159 32.61 3.66 -0.57
N ARG C 160 31.51 4.05 0.05
CA ARG C 160 31.05 5.44 0.04
C ARG C 160 30.86 5.92 1.46
N GLY C 161 31.86 6.60 2.00
CA GLY C 161 31.76 7.06 3.37
C GLY C 161 32.00 5.85 4.24
N GLU C 162 31.13 5.61 5.22
CA GLU C 162 31.31 4.47 6.10
C GLU C 162 30.67 3.18 5.60
N ILE C 163 29.80 3.28 4.60
CA ILE C 163 29.14 2.09 4.06
C ILE C 163 29.59 1.78 2.64
N PHE C 164 29.09 0.68 2.10
CA PHE C 164 29.40 0.26 0.75
C PHE C 164 28.17 0.45 -0.15
N HIS C 165 28.41 0.74 -1.44
CA HIS C 165 27.33 0.90 -2.40
C HIS C 165 27.50 -0.19 -3.44
N PHE C 166 26.42 -0.90 -3.76
CA PHE C 166 26.49 -1.98 -4.73
C PHE C 166 25.27 -1.95 -5.67
N ASN C 167 25.55 -1.90 -6.99
CA ASN C 167 24.50 -1.89 -8.03
C ASN C 167 25.00 -2.85 -9.10
N PRO C 168 24.28 -3.97 -9.29
CA PRO C 168 24.69 -4.96 -10.29
C PRO C 168 24.46 -4.54 -11.75
N GLY C 169 24.01 -3.30 -11.96
CA GLY C 169 23.74 -2.84 -13.31
C GLY C 169 22.50 -3.56 -13.83
N SER C 170 22.26 -3.47 -15.13
CA SER C 170 21.09 -4.13 -15.71
C SER C 170 21.49 -5.33 -16.54
N VAL C 171 20.65 -6.36 -16.53
CA VAL C 171 20.92 -7.55 -17.32
C VAL C 171 20.32 -7.41 -18.73
N SER C 172 19.57 -6.33 -18.96
CA SER C 172 18.90 -6.13 -20.25
C SER C 172 19.10 -4.80 -20.94
N ILE C 173 19.12 -3.71 -20.18
CA ILE C 173 19.25 -2.39 -20.77
C ILE C 173 20.40 -1.55 -20.21
N PRO C 174 21.65 -1.99 -20.42
CA PRO C 174 22.87 -1.32 -19.95
C PRO C 174 22.92 0.17 -20.33
N LYS C 175 23.53 0.98 -19.48
CA LYS C 175 23.69 2.41 -19.74
C LYS C 175 25.12 2.84 -19.49
N GLY C 176 25.44 4.07 -19.88
CA GLY C 176 26.78 4.60 -19.68
C GLY C 176 27.91 3.85 -20.38
N GLY C 177 27.58 3.05 -21.39
CA GLY C 177 28.60 2.33 -22.11
C GLY C 177 29.03 1.01 -21.49
N ASN C 178 28.37 0.60 -20.41
CA ASN C 178 28.68 -0.65 -19.73
C ASN C 178 27.97 -1.84 -20.35
N PRO C 179 28.57 -3.03 -20.23
CA PRO C 179 27.99 -4.26 -20.76
C PRO C 179 26.83 -4.73 -19.86
N ALA C 180 25.93 -5.55 -20.41
CA ALA C 180 24.83 -6.07 -19.61
C ALA C 180 25.55 -6.76 -18.46
N SER C 181 25.04 -6.63 -17.23
CA SER C 181 25.74 -7.24 -16.10
C SER C 181 24.86 -7.73 -14.96
N TYR C 182 25.47 -8.54 -14.09
CA TYR C 182 24.79 -9.07 -12.91
C TYR C 182 25.75 -8.98 -11.72
N GLY C 183 25.24 -9.25 -10.52
CA GLY C 183 26.07 -9.16 -9.33
C GLY C 183 26.31 -10.48 -8.63
N MET C 184 27.35 -10.51 -7.80
CA MET C 184 27.69 -11.71 -7.06
C MET C 184 28.40 -11.38 -5.75
N LEU C 185 28.02 -12.06 -4.68
CA LEU C 185 28.67 -11.89 -3.38
C LEU C 185 29.34 -13.22 -3.14
N ASP C 186 30.67 -13.22 -3.09
CA ASP C 186 31.42 -14.44 -2.92
C ASP C 186 32.64 -14.22 -2.02
N ASN C 187 32.61 -14.80 -0.83
CA ASN C 187 33.72 -14.71 0.12
C ASN C 187 34.10 -13.29 0.51
N ASP C 188 33.15 -12.51 1.01
CA ASP C 188 33.41 -11.13 1.42
C ASP C 188 33.71 -10.19 0.27
N VAL C 189 33.56 -10.67 -0.96
CA VAL C 189 33.83 -9.82 -2.11
C VAL C 189 32.59 -9.59 -2.96
N LEU C 190 32.32 -8.32 -3.25
CA LEU C 190 31.17 -7.94 -4.08
C LEU C 190 31.69 -7.65 -5.48
N SER C 191 31.14 -8.35 -6.47
CA SER C 191 31.58 -8.15 -7.85
C SER C 191 30.46 -7.97 -8.87
N VAL C 192 30.66 -7.02 -9.78
CA VAL C 192 29.70 -6.78 -10.87
C VAL C 192 30.33 -7.54 -12.03
N ILE C 193 29.58 -8.48 -12.60
CA ILE C 193 30.10 -9.32 -13.68
C ILE C 193 29.32 -9.20 -14.99
N ALA C 194 30.05 -9.21 -16.11
CA ALA C 194 29.44 -9.12 -17.44
C ALA C 194 28.61 -10.37 -17.69
N LEU C 195 27.37 -10.19 -18.13
CA LEU C 195 26.48 -11.31 -18.39
C LEU C 195 26.99 -12.30 -19.42
N ASN C 196 27.58 -11.79 -20.50
CA ASN C 196 28.09 -12.66 -21.57
C ASN C 196 29.57 -12.96 -21.36
N ASP C 197 30.36 -11.90 -21.21
CA ASP C 197 31.80 -12.00 -21.02
C ASP C 197 32.17 -12.73 -19.73
N GLN C 198 31.53 -12.31 -18.65
CA GLN C 198 31.77 -12.85 -17.32
C GLN C 198 33.09 -12.26 -16.83
N SER C 199 33.44 -11.09 -17.38
CA SER C 199 34.64 -10.39 -16.99
C SER C 199 34.20 -9.42 -15.89
N ILE C 200 35.09 -9.17 -14.95
CA ILE C 200 34.80 -8.31 -13.81
C ILE C 200 34.83 -6.81 -14.08
N ILE C 201 33.65 -6.20 -14.03
CA ILE C 201 33.46 -4.77 -14.27
C ILE C 201 33.88 -3.92 -13.08
N ALA C 202 33.50 -4.35 -11.89
CA ALA C 202 33.82 -3.64 -10.66
C ALA C 202 33.72 -4.59 -9.49
N GLN C 203 34.42 -4.29 -8.41
CA GLN C 203 34.37 -5.13 -7.22
C GLN C 203 35.01 -4.45 -6.02
N VAL C 204 34.60 -4.90 -4.84
CA VAL C 204 35.10 -4.35 -3.60
C VAL C 204 34.94 -5.40 -2.51
N ALA C 205 35.93 -5.49 -1.62
CA ALA C 205 35.89 -6.42 -0.51
C ALA C 205 35.18 -5.74 0.64
N ILE C 206 34.27 -6.46 1.31
CA ILE C 206 33.53 -5.87 2.42
C ILE C 206 33.92 -6.43 3.80
N ASN C 207 34.93 -7.30 3.82
CA ASN C 207 35.44 -7.93 5.05
C ASN C 207 34.45 -8.06 6.22
N MET D 26 -28.45 19.33 -2.06
CA MET D 26 -27.21 18.64 -1.62
C MET D 26 -26.94 18.85 -0.13
N LYS D 27 -27.03 17.76 0.65
CA LYS D 27 -26.79 17.84 2.08
C LYS D 27 -25.83 16.74 2.57
N LEU D 28 -24.62 17.16 2.92
CA LEU D 28 -23.58 16.25 3.40
C LEU D 28 -23.21 16.50 4.86
N MET D 29 -22.95 15.41 5.60
CA MET D 29 -22.53 15.56 6.98
C MET D 29 -21.08 15.08 7.06
N PHE D 30 -20.29 15.75 7.90
CA PHE D 30 -18.88 15.40 8.07
C PHE D 30 -18.56 15.10 9.54
N ALA D 31 -17.69 14.12 9.76
CA ALA D 31 -17.26 13.73 11.11
C ALA D 31 -15.80 13.32 11.02
N SER D 32 -15.02 13.62 12.05
CA SER D 32 -13.60 13.29 12.02
C SER D 32 -12.99 13.05 13.42
N ASP D 33 -11.92 12.26 13.44
CA ASP D 33 -11.20 11.99 14.68
C ASP D 33 -12.15 11.51 15.78
N ILE D 34 -12.74 10.34 15.54
CA ILE D 34 -13.68 9.72 16.46
C ILE D 34 -12.88 9.01 17.57
N HIS D 35 -11.76 8.41 17.17
CA HIS D 35 -10.87 7.73 18.09
C HIS D 35 -11.54 6.74 19.06
N GLY D 36 -12.46 5.92 18.54
CA GLY D 36 -13.12 4.92 19.35
C GLY D 36 -14.21 5.33 20.32
N SER D 37 -14.55 6.62 20.39
CA SER D 37 -15.60 7.06 21.32
C SER D 37 -17.02 6.65 20.91
N LEU D 38 -17.61 5.72 21.66
CA LEU D 38 -18.97 5.25 21.37
C LEU D 38 -20.04 6.32 21.56
N PRO D 39 -19.94 7.11 22.65
CA PRO D 39 -20.96 8.15 22.83
C PRO D 39 -20.91 9.19 21.71
N ALA D 40 -19.71 9.54 21.28
CA ALA D 40 -19.56 10.52 20.21
C ALA D 40 -20.20 9.94 18.95
N THR D 41 -19.91 8.66 18.69
CA THR D 41 -20.44 7.97 17.54
C THR D 41 -21.97 7.92 17.50
N GLU D 42 -22.58 7.57 18.63
CA GLU D 42 -24.04 7.47 18.71
C GLU D 42 -24.70 8.84 18.54
N ARG D 43 -24.03 9.88 19.00
CA ARG D 43 -24.57 11.22 18.87
C ARG D 43 -24.49 11.64 17.39
N VAL D 44 -23.41 11.25 16.72
CA VAL D 44 -23.22 11.57 15.31
C VAL D 44 -24.32 10.88 14.50
N LEU D 45 -24.51 9.58 14.73
CA LEU D 45 -25.51 8.82 14.02
C LEU D 45 -26.92 9.30 14.27
N GLU D 46 -27.16 9.95 15.42
CA GLU D 46 -28.49 10.45 15.71
C GLU D 46 -28.71 11.74 14.92
N LEU D 47 -27.71 12.61 14.90
CA LEU D 47 -27.79 13.87 14.17
C LEU D 47 -27.85 13.61 12.66
N PHE D 48 -27.19 12.53 12.22
CA PHE D 48 -27.18 12.17 10.81
C PHE D 48 -28.60 11.79 10.40
N ALA D 49 -29.24 10.95 11.21
CA ALA D 49 -30.60 10.51 10.95
C ALA D 49 -31.59 11.67 10.92
N GLN D 50 -31.44 12.61 11.85
CA GLN D 50 -32.35 13.75 11.94
C GLN D 50 -32.09 14.84 10.90
N SER D 51 -30.84 14.96 10.46
CA SER D 51 -30.48 15.96 9.47
C SER D 51 -31.11 15.69 8.10
N GLY D 52 -31.16 14.41 7.74
CA GLY D 52 -31.71 14.03 6.46
C GLY D 52 -30.62 13.85 5.42
N ALA D 53 -29.41 14.30 5.75
CA ALA D 53 -28.26 14.18 4.85
C ALA D 53 -28.20 12.81 4.20
N GLN D 54 -27.70 12.75 2.97
CA GLN D 54 -27.62 11.49 2.24
C GLN D 54 -26.35 10.71 2.48
N TRP D 55 -25.27 11.42 2.75
CA TRP D 55 -24.00 10.73 2.98
C TRP D 55 -23.25 11.27 4.19
N LEU D 56 -22.46 10.38 4.78
CA LEU D 56 -21.66 10.71 5.95
C LEU D 56 -20.19 10.57 5.57
N VAL D 57 -19.49 11.68 5.55
CA VAL D 57 -18.07 11.68 5.23
C VAL D 57 -17.23 11.58 6.49
N ILE D 58 -16.41 10.54 6.59
CA ILE D 58 -15.53 10.31 7.75
C ILE D 58 -14.07 10.50 7.35
N LEU D 59 -13.45 11.52 7.91
CA LEU D 59 -12.06 11.87 7.59
C LEU D 59 -10.91 11.13 8.29
N GLY D 60 -11.18 9.97 8.89
CA GLY D 60 -10.08 9.23 9.49
C GLY D 60 -9.94 9.22 11.01
N ASP D 61 -9.10 8.30 11.51
CA ASP D 61 -8.85 8.12 12.94
C ASP D 61 -10.19 7.75 13.55
N VAL D 62 -10.63 6.53 13.21
CA VAL D 62 -11.92 5.99 13.62
C VAL D 62 -12.03 5.13 14.89
N LEU D 63 -11.16 4.14 15.07
CA LEU D 63 -11.26 3.26 16.23
C LEU D 63 -10.18 3.46 17.29
N ASN D 64 -8.96 3.66 16.82
CA ASN D 64 -7.78 3.83 17.65
C ASN D 64 -7.75 5.17 18.41
N HIS D 65 -7.67 5.10 19.73
CA HIS D 65 -7.63 6.32 20.56
C HIS D 65 -6.43 7.19 20.22
N GLY D 66 -5.33 6.56 19.80
CA GLY D 66 -4.15 7.33 19.47
C GLY D 66 -3.09 7.15 20.57
N PRO D 67 -1.90 6.63 20.21
CA PRO D 67 -0.77 6.37 21.10
C PRO D 67 -0.45 7.44 22.15
N ARG D 68 -0.44 8.71 21.76
CA ARG D 68 -0.12 9.77 22.70
C ARG D 68 -1.32 10.47 23.34
N ASN D 69 -2.51 9.90 23.16
CA ASN D 69 -3.71 10.48 23.73
C ASN D 69 -4.32 9.58 24.80
N ALA D 70 -5.05 10.21 25.71
CA ALA D 70 -5.75 9.51 26.78
C ALA D 70 -7.00 8.97 26.10
N LEU D 71 -7.58 7.90 26.65
CA LEU D 71 -8.78 7.33 26.08
C LEU D 71 -9.90 8.35 26.11
N PRO D 72 -10.70 8.43 25.03
CA PRO D 72 -11.80 9.41 24.99
C PRO D 72 -13.02 8.86 25.73
N GLU D 73 -14.04 9.70 25.90
CA GLU D 73 -15.25 9.29 26.57
C GLU D 73 -15.85 8.03 25.96
N GLY D 74 -16.21 7.07 26.81
CA GLY D 74 -16.82 5.83 26.35
C GLY D 74 -16.08 5.04 25.28
N TYR D 75 -14.75 4.99 25.36
CA TYR D 75 -13.93 4.24 24.39
C TYR D 75 -14.38 2.79 24.26
N ALA D 76 -14.73 2.39 23.04
CA ALA D 76 -15.18 1.02 22.78
C ALA D 76 -15.19 0.73 21.28
N PRO D 77 -14.01 0.61 20.67
CA PRO D 77 -13.83 0.33 19.23
C PRO D 77 -14.76 -0.71 18.64
N ALA D 78 -14.84 -1.88 19.29
CA ALA D 78 -15.69 -2.95 18.79
C ALA D 78 -17.16 -2.56 18.72
N LYS D 79 -17.56 -1.58 19.50
CA LYS D 79 -18.95 -1.14 19.50
C LYS D 79 -19.15 -0.02 18.50
N VAL D 80 -18.12 0.79 18.30
CA VAL D 80 -18.22 1.88 17.34
C VAL D 80 -18.36 1.20 15.97
N VAL D 81 -17.61 0.11 15.79
CA VAL D 81 -17.62 -0.68 14.58
C VAL D 81 -19.03 -1.20 14.25
N GLU D 82 -19.72 -1.76 15.23
CA GLU D 82 -21.07 -2.27 15.00
C GLU D 82 -22.04 -1.16 14.60
N ARG D 83 -21.91 0.00 15.24
CA ARG D 83 -22.79 1.11 14.95
C ARG D 83 -22.54 1.69 13.57
N LEU D 84 -21.27 1.98 13.28
CA LEU D 84 -20.91 2.55 11.99
C LEU D 84 -21.27 1.60 10.85
N ASN D 85 -21.05 0.30 11.04
CA ASN D 85 -21.36 -0.67 9.98
C ASN D 85 -22.84 -0.74 9.58
N GLU D 86 -23.71 -0.07 10.35
CA GLU D 86 -25.14 -0.08 10.05
C GLU D 86 -25.49 0.95 8.96
N VAL D 87 -24.62 1.93 8.76
CA VAL D 87 -24.82 2.95 7.73
C VAL D 87 -23.62 2.91 6.78
N ALA D 88 -22.98 1.75 6.67
CA ALA D 88 -21.81 1.56 5.82
C ALA D 88 -22.06 1.98 4.38
N HIS D 89 -23.27 1.73 3.88
CA HIS D 89 -23.61 2.05 2.50
C HIS D 89 -23.74 3.54 2.25
N LYS D 90 -23.73 4.34 3.31
CA LYS D 90 -23.86 5.79 3.15
C LYS D 90 -22.60 6.53 3.59
N VAL D 91 -21.52 5.77 3.78
CA VAL D 91 -20.25 6.35 4.21
C VAL D 91 -19.17 6.47 3.12
N ILE D 92 -18.47 7.59 3.13
CA ILE D 92 -17.37 7.86 2.22
C ILE D 92 -16.19 8.17 3.16
N ALA D 93 -15.06 7.49 3.02
CA ALA D 93 -13.94 7.74 3.93
C ALA D 93 -12.51 7.63 3.42
N VAL D 94 -11.59 8.27 4.15
CA VAL D 94 -10.16 8.24 3.84
C VAL D 94 -9.35 7.81 5.09
N ARG D 95 -8.15 7.29 4.85
CA ARG D 95 -7.26 6.78 5.91
C ARG D 95 -6.62 7.78 6.88
N GLY D 96 -6.91 7.64 8.17
CA GLY D 96 -6.33 8.52 9.16
C GLY D 96 -4.96 7.97 9.54
N ASN D 97 -4.10 8.81 10.12
CA ASN D 97 -2.77 8.34 10.52
C ASN D 97 -2.83 7.24 11.61
N CYS D 98 -3.94 7.17 12.33
CA CYS D 98 -4.11 6.15 13.38
C CYS D 98 -4.86 4.89 12.93
N ASP D 99 -5.30 4.88 11.67
CA ASP D 99 -6.06 3.75 11.14
C ASP D 99 -5.12 2.65 10.62
N SER D 100 -5.49 1.40 10.86
CA SER D 100 -4.64 0.30 10.42
C SER D 100 -5.39 -0.80 9.69
N GLU D 101 -4.63 -1.77 9.21
CA GLU D 101 -5.19 -2.90 8.48
C GLU D 101 -6.29 -3.62 9.26
N VAL D 102 -6.09 -3.80 10.56
CA VAL D 102 -7.12 -4.49 11.35
C VAL D 102 -8.39 -3.66 11.32
N ASP D 103 -8.25 -2.34 11.30
CA ASP D 103 -9.43 -1.48 11.24
C ASP D 103 -10.24 -1.71 9.95
N GLN D 104 -9.56 -1.79 8.80
CA GLN D 104 -10.29 -2.03 7.56
C GLN D 104 -10.98 -3.39 7.64
N MET D 105 -10.34 -4.35 8.28
CA MET D 105 -10.93 -5.67 8.41
C MET D 105 -12.23 -5.69 9.19
N LEU D 106 -12.44 -4.69 10.04
CA LEU D 106 -13.67 -4.64 10.85
C LEU D 106 -14.74 -3.74 10.23
N LEU D 107 -14.33 -2.64 9.61
CA LEU D 107 -15.26 -1.71 9.01
C LEU D 107 -15.70 -2.14 7.61
N HIS D 108 -17.01 -2.18 7.41
CA HIS D 108 -17.61 -2.60 6.14
C HIS D 108 -17.67 -1.57 5.01
N PHE D 109 -16.89 -0.50 5.13
CA PHE D 109 -16.79 0.53 4.11
C PHE D 109 -15.31 0.80 3.94
N PRO D 110 -14.88 1.22 2.74
CA PRO D 110 -13.48 1.52 2.36
C PRO D 110 -12.83 2.71 3.03
N ILE D 111 -11.73 2.46 3.75
CA ILE D 111 -11.03 3.53 4.47
C ILE D 111 -9.57 3.68 4.09
N THR D 112 -9.01 2.68 3.41
CA THR D 112 -7.59 2.70 3.05
C THR D 112 -7.03 3.77 2.12
N ALA D 113 -7.88 4.48 1.41
CA ALA D 113 -7.40 5.53 0.50
C ALA D 113 -6.86 6.75 1.24
N PRO D 114 -5.61 7.16 0.92
CA PRO D 114 -4.96 8.32 1.53
C PRO D 114 -5.74 9.60 1.26
N TRP D 115 -6.48 9.58 0.16
CA TRP D 115 -7.28 10.73 -0.23
C TRP D 115 -8.28 10.32 -1.31
N GLN D 116 -9.35 11.10 -1.41
CA GLN D 116 -10.42 10.88 -2.38
C GLN D 116 -11.00 12.21 -2.79
N GLN D 117 -11.40 12.31 -4.06
CA GLN D 117 -12.03 13.52 -4.52
C GLN D 117 -13.50 13.18 -4.65
N VAL D 118 -14.35 14.16 -4.35
CA VAL D 118 -15.79 13.98 -4.46
C VAL D 118 -16.26 15.05 -5.44
N LEU D 119 -16.83 14.59 -6.54
CA LEU D 119 -17.34 15.48 -7.59
C LEU D 119 -18.76 15.93 -7.30
N LEU D 120 -18.94 17.24 -7.23
CA LEU D 120 -20.26 17.81 -6.99
C LEU D 120 -20.58 18.63 -8.24
N GLU D 121 -21.83 19.06 -8.38
CA GLU D 121 -22.22 19.82 -9.55
C GLU D 121 -21.26 20.93 -9.93
N LYS D 122 -21.07 21.89 -9.03
CA LYS D 122 -20.23 23.03 -9.33
C LYS D 122 -18.87 23.16 -8.63
N GLN D 123 -18.27 22.04 -8.26
CA GLN D 123 -16.96 22.03 -7.61
C GLN D 123 -16.51 20.67 -7.09
N ARG D 124 -15.24 20.60 -6.71
CA ARG D 124 -14.62 19.38 -6.20
C ARG D 124 -14.30 19.45 -4.71
N LEU D 125 -14.46 18.32 -4.03
CA LEU D 125 -14.10 18.24 -2.62
C LEU D 125 -12.89 17.33 -2.57
N PHE D 126 -11.80 17.80 -1.94
CA PHE D 126 -10.61 16.99 -1.81
C PHE D 126 -10.54 16.51 -0.35
N LEU D 127 -10.87 15.24 -0.14
CA LEU D 127 -10.88 14.65 1.21
C LEU D 127 -9.58 13.96 1.58
N THR D 128 -9.03 14.32 2.73
CA THR D 128 -7.79 13.72 3.21
C THR D 128 -7.73 13.91 4.73
N HIS D 129 -7.01 13.04 5.43
CA HIS D 129 -6.94 13.16 6.88
C HIS D 129 -6.24 14.43 7.36
N GLY D 130 -5.05 14.69 6.81
CA GLY D 130 -4.33 15.87 7.20
C GLY D 130 -2.84 15.65 7.46
N HIS D 131 -2.45 14.40 7.65
CA HIS D 131 -1.04 14.09 7.92
C HIS D 131 -0.16 14.01 6.68
N LEU D 132 -0.76 13.64 5.55
CA LEU D 132 0.00 13.53 4.30
C LEU D 132 -0.23 14.78 3.45
N PHE D 133 -1.49 15.16 3.32
CA PHE D 133 -1.90 16.33 2.56
C PHE D 133 -2.67 17.25 3.49
N GLY D 134 -2.52 18.55 3.29
CA GLY D 134 -3.23 19.50 4.13
C GLY D 134 -2.78 20.92 3.87
N PRO D 135 -3.13 21.86 4.76
CA PRO D 135 -2.76 23.27 4.63
C PRO D 135 -1.28 23.51 4.35
N GLU D 136 -0.43 22.57 4.75
CA GLU D 136 1.00 22.74 4.54
C GLU D 136 1.57 21.96 3.34
N ASN D 137 0.75 21.08 2.77
CA ASN D 137 1.17 20.31 1.59
C ASN D 137 -0.07 20.23 0.70
N LEU D 138 -0.37 21.35 0.05
CA LEU D 138 -1.54 21.49 -0.79
C LEU D 138 -1.57 20.72 -2.12
N PRO D 139 -2.74 20.16 -2.46
CA PRO D 139 -2.97 19.41 -3.69
C PRO D 139 -3.37 20.43 -4.75
N ALA D 140 -3.16 20.11 -6.03
CA ALA D 140 -3.53 21.02 -7.10
C ALA D 140 -5.05 21.03 -7.22
N LEU D 141 -5.66 22.22 -7.15
CA LEU D 141 -7.12 22.32 -7.26
C LEU D 141 -7.57 23.54 -8.04
N ASN D 142 -8.86 23.59 -8.35
CA ASN D 142 -9.44 24.71 -9.08
C ASN D 142 -9.94 25.77 -8.13
N GLN D 143 -9.98 27.00 -8.62
CA GLN D 143 -10.48 28.10 -7.85
C GLN D 143 -11.86 27.70 -7.32
N ASN D 144 -12.08 27.93 -6.03
CA ASN D 144 -13.34 27.60 -5.37
C ASN D 144 -13.59 26.13 -5.01
N ASP D 145 -12.60 25.28 -5.20
CA ASP D 145 -12.75 23.88 -4.81
C ASP D 145 -12.57 23.87 -3.29
N VAL D 146 -12.81 22.72 -2.65
CA VAL D 146 -12.68 22.67 -1.19
C VAL D 146 -11.72 21.62 -0.63
N LEU D 147 -10.80 22.09 0.21
CA LEU D 147 -9.83 21.21 0.87
C LEU D 147 -10.50 20.78 2.17
N VAL D 148 -10.83 19.50 2.26
CA VAL D 148 -11.50 18.94 3.43
C VAL D 148 -10.54 18.03 4.20
N TYR D 149 -10.25 18.36 5.45
CA TYR D 149 -9.32 17.57 6.25
C TYR D 149 -9.60 17.65 7.75
N GLY D 150 -8.94 16.79 8.52
CA GLY D 150 -9.09 16.78 9.96
C GLY D 150 -7.71 16.72 10.60
N HIS D 151 -7.48 15.72 11.46
CA HIS D 151 -6.19 15.49 12.13
C HIS D 151 -5.70 16.49 13.18
N THR D 152 -5.97 17.78 12.98
CA THR D 152 -5.54 18.83 13.91
C THR D 152 -6.49 19.03 15.08
N HIS D 153 -7.72 18.55 14.93
CA HIS D 153 -8.76 18.70 15.94
C HIS D 153 -9.19 20.15 16.15
N LEU D 154 -8.84 21.01 15.19
CA LEU D 154 -9.20 22.43 15.24
C LEU D 154 -10.20 22.76 14.11
N PRO D 155 -11.34 23.39 14.46
CA PRO D 155 -12.38 23.76 13.49
C PRO D 155 -11.96 24.81 12.46
N VAL D 156 -12.39 24.62 11.21
CA VAL D 156 -12.06 25.55 10.14
C VAL D 156 -13.17 25.61 9.07
N ALA D 157 -13.46 26.82 8.61
CA ALA D 157 -14.47 27.06 7.59
C ALA D 157 -14.17 28.46 7.03
N GLU D 158 -13.23 28.54 6.11
CA GLU D 158 -12.87 29.82 5.55
C GLU D 158 -12.23 29.69 4.17
N GLN D 159 -12.08 30.83 3.51
CA GLN D 159 -11.46 30.87 2.20
C GLN D 159 -10.00 31.25 2.38
N ARG D 160 -9.12 30.53 1.70
CA ARG D 160 -7.70 30.79 1.79
C ARG D 160 -7.13 30.70 0.38
N GLY D 161 -6.74 31.84 -0.17
CA GLY D 161 -6.22 31.83 -1.51
C GLY D 161 -7.42 31.72 -2.43
N GLU D 162 -7.33 30.87 -3.44
CA GLU D 162 -8.45 30.72 -4.37
C GLU D 162 -9.39 29.58 -4.00
N ILE D 163 -9.05 28.83 -2.95
CA ILE D 163 -9.89 27.71 -2.52
C ILE D 163 -10.33 27.84 -1.07
N PHE D 164 -11.26 26.96 -0.65
CA PHE D 164 -11.75 26.97 0.72
C PHE D 164 -11.12 25.84 1.54
N HIS D 165 -10.96 26.09 2.83
CA HIS D 165 -10.43 25.09 3.75
C HIS D 165 -11.55 24.75 4.71
N PHE D 166 -11.74 23.45 4.96
CA PHE D 166 -12.81 23.00 5.83
C PHE D 166 -12.34 21.83 6.74
N ASN D 167 -12.49 22.01 8.05
CA ASN D 167 -12.12 21.00 9.04
C ASN D 167 -13.26 20.97 10.05
N PRO D 168 -14.01 19.87 10.11
CA PRO D 168 -15.13 19.79 11.06
C PRO D 168 -14.70 19.65 12.52
N GLY D 169 -13.40 19.69 12.78
CA GLY D 169 -12.91 19.53 14.14
C GLY D 169 -13.07 18.07 14.53
N SER D 170 -12.89 17.76 15.82
CA SER D 170 -13.04 16.38 16.28
C SER D 170 -14.35 16.20 17.03
N VAL D 171 -14.97 15.04 16.91
CA VAL D 171 -16.22 14.79 17.61
C VAL D 171 -15.99 14.22 19.01
N SER D 172 -14.74 13.91 19.36
CA SER D 172 -14.50 13.32 20.67
C SER D 172 -13.32 13.87 21.47
N ILE D 173 -12.41 14.59 20.83
CA ILE D 173 -11.28 15.13 21.55
C ILE D 173 -10.79 16.46 20.98
N PRO D 174 -11.62 17.51 21.08
CA PRO D 174 -11.31 18.85 20.58
C PRO D 174 -10.13 19.55 21.26
N LYS D 175 -9.37 20.31 20.47
CA LYS D 175 -8.22 21.05 20.98
C LYS D 175 -8.48 22.54 20.81
N GLY D 176 -7.48 23.36 21.11
CA GLY D 176 -7.64 24.80 20.97
C GLY D 176 -8.48 25.48 22.04
N GLY D 177 -9.69 24.97 22.25
CA GLY D 177 -10.58 25.55 23.23
C GLY D 177 -12.00 25.42 22.74
N ASN D 178 -12.14 24.75 21.60
CA ASN D 178 -13.42 24.54 20.95
C ASN D 178 -14.14 23.31 21.50
N PRO D 179 -15.47 23.27 21.37
CA PRO D 179 -16.29 22.17 21.84
C PRO D 179 -16.19 21.03 20.82
N ALA D 180 -16.60 19.82 21.21
CA ALA D 180 -16.57 18.71 20.28
C ALA D 180 -17.45 19.22 19.14
N SER D 181 -17.12 18.86 17.91
CA SER D 181 -17.90 19.35 16.77
C SER D 181 -17.93 18.45 15.54
N TYR D 182 -18.83 18.80 14.62
CA TYR D 182 -18.97 18.07 13.36
C TYR D 182 -19.23 19.08 12.24
N GLY D 183 -19.30 18.59 11.00
CA GLY D 183 -19.51 19.49 9.87
C GLY D 183 -20.75 19.19 9.05
N MET D 184 -21.19 20.18 8.30
CA MET D 184 -22.38 20.02 7.46
C MET D 184 -22.29 20.87 6.20
N LEU D 185 -22.74 20.31 5.07
CA LEU D 185 -22.75 21.04 3.81
C LEU D 185 -24.23 21.14 3.49
N ASP D 186 -24.74 22.37 3.45
CA ASP D 186 -26.16 22.59 3.20
C ASP D 186 -26.36 23.92 2.47
N ASN D 187 -27.11 23.88 1.38
CA ASN D 187 -27.40 25.09 0.59
C ASN D 187 -26.13 25.84 0.23
N ASP D 188 -25.10 25.10 -0.15
CA ASP D 188 -23.81 25.68 -0.53
C ASP D 188 -23.15 26.48 0.61
N VAL D 189 -23.46 26.09 1.84
CA VAL D 189 -22.88 26.73 3.00
C VAL D 189 -22.18 25.67 3.84
N LEU D 190 -20.89 25.86 4.09
CA LEU D 190 -20.12 24.92 4.89
C LEU D 190 -20.17 25.38 6.34
N SER D 191 -20.67 24.50 7.22
CA SER D 191 -20.79 24.84 8.63
C SER D 191 -20.18 23.84 9.61
N VAL D 192 -19.51 24.38 10.63
CA VAL D 192 -18.92 23.56 11.70
C VAL D 192 -19.90 23.75 12.86
N ILE D 193 -20.50 22.66 13.30
CA ILE D 193 -21.50 22.70 14.37
C ILE D 193 -21.10 21.93 15.63
N ALA D 194 -21.43 22.49 16.79
CA ALA D 194 -21.12 21.86 18.07
C ALA D 194 -21.99 20.63 18.26
N LEU D 195 -21.37 19.51 18.64
CA LEU D 195 -22.07 18.25 18.85
C LEU D 195 -23.26 18.34 19.82
N ASN D 196 -23.15 19.20 20.82
CA ASN D 196 -24.22 19.35 21.80
C ASN D 196 -24.99 20.65 21.60
N ASP D 197 -24.29 21.76 21.80
CA ASP D 197 -24.85 23.09 21.65
C ASP D 197 -25.67 23.09 20.36
N GLN D 198 -25.01 22.63 19.30
CA GLN D 198 -25.58 22.58 17.97
C GLN D 198 -25.47 24.01 17.46
N SER D 199 -24.62 24.78 18.13
CA SER D 199 -24.38 26.17 17.75
C SER D 199 -23.29 26.20 16.69
N ILE D 200 -23.37 27.21 15.83
CA ILE D 200 -22.43 27.36 14.73
C ILE D 200 -21.09 27.98 15.10
N ILE D 201 -20.06 27.13 15.08
CA ILE D 201 -18.68 27.52 15.41
C ILE D 201 -18.03 28.32 14.30
N ALA D 202 -18.23 27.88 13.06
CA ALA D 202 -17.65 28.53 11.90
C ALA D 202 -18.41 28.13 10.64
N GLN D 203 -18.41 29.01 9.65
CA GLN D 203 -19.08 28.71 8.40
C GLN D 203 -18.67 29.65 7.28
N VAL D 204 -18.86 29.20 6.05
CA VAL D 204 -18.50 29.98 4.89
C VAL D 204 -19.30 29.49 3.68
N ALA D 205 -19.87 30.42 2.93
CA ALA D 205 -20.65 30.08 1.75
C ALA D 205 -19.63 29.78 0.66
N ILE D 206 -19.88 28.73 -0.12
CA ILE D 206 -18.92 28.38 -1.17
C ILE D 206 -19.35 28.63 -2.62
N ASN D 207 -20.54 29.18 -2.83
CA ASN D 207 -21.00 29.47 -4.20
C ASN D 207 -21.23 30.96 -4.43
ZN ZN E . -7.04 -4.21 -15.36
ZN ZN F . -7.23 -3.88 -18.77
S SO4 G . -6.08 -6.67 -17.34
O1 SO4 G . -7.42 -7.10 -16.90
O2 SO4 G . -5.93 -5.25 -17.04
O3 SO4 G . -5.01 -7.38 -16.59
O4 SO4 G . -5.93 -6.90 -18.78
ZN ZN H . -1.69 -9.25 14.65
ZN ZN I . -1.50 -9.50 18.10
S SO4 J . -4.48 -9.37 16.74
O1 SO4 J . -3.22 -8.74 16.33
O2 SO4 J . -5.49 -9.11 15.67
O3 SO4 J . -4.26 -10.82 16.93
O4 SO4 J . -4.94 -8.78 18.01
ZN ZN K . 13.62 1.44 -12.22
ZN ZN L . 15.13 -0.24 -14.89
S SO4 M . 13.95 2.83 -15.16
O1 SO4 M . 13.77 2.34 -16.54
O2 SO4 M . 12.63 3.10 -14.55
O3 SO4 M . 14.66 1.80 -14.36
O4 SO4 M . 14.76 4.06 -15.16
S SO4 N . 5.14 2.02 -0.13
O1 SO4 N . 3.87 2.41 -0.78
O2 SO4 N . 5.15 2.50 1.27
O3 SO4 N . 5.25 0.55 -0.13
O4 SO4 N . 6.29 2.61 -0.85
ZN ZN O . -7.11 12.56 15.49
ZN ZN P . -4.82 12.13 12.94
S SO4 Q . -3.86 12.74 15.95
O1 SO4 Q . -5.01 13.11 15.10
O2 SO4 Q . -4.32 11.95 17.11
O3 SO4 Q . -2.88 11.94 15.18
O4 SO4 Q . -3.21 13.99 16.42
S SO4 R . -0.29 5.20 0.80
O1 SO4 R . -0.35 5.80 -0.53
O2 SO4 R . -0.23 6.36 1.73
O3 SO4 R . -1.50 4.37 0.95
O4 SO4 R . 0.93 4.36 0.89
#